data_2YBP
#
_entry.id   2YBP
#
_cell.length_a   101.291
_cell.length_b   149.668
_cell.length_c   57.319
_cell.angle_alpha   90.00
_cell.angle_beta   90.00
_cell.angle_gamma   90.00
#
_symmetry.space_group_name_H-M   'P 21 21 2'
#
loop_
_entity.id
_entity.type
_entity.pdbx_description
1 polymer 'LYSINE-SPECIFIC DEMETHYLASE 4A'
2 polymer 'HISTONE H3.1T'
3 non-polymer 'NICKEL (II) ION'
4 non-polymer 'ZINC ION'
5 non-polymer GLYCEROL
6 non-polymer '(2R)-2-hydroxypentanedioic acid'
7 water water
#
loop_
_entity_poly.entity_id
_entity_poly.type
_entity_poly.pdbx_seq_one_letter_code
_entity_poly.pdbx_strand_id
1 'polypeptide(L)'
;MHHHHHHSSGVDLGTENLYFQSMASESETLNPSARIMTFYPTMEEFRNFSRYIAYIESQGAHRAGLAKVVPPKEWKPRAS
YDDIDDLVIPAPIQQLVTGQSGLFTQYNIQKKAMTVREFRKIANSDKYCTPRYSEFEELERKYWKNLTFNPPIYGADVNG
TLYEKHVDEWNIGRLRTILDLVEKESGITIEGVNTPYLYFGMWKTSFAWHTEDMDLYSINYLHFGEPKSWYSVPPEHGKR
LERLAKGFFPGSAQSCEAFLRHKMTLISPLMLKKYGIPFDKVTQEAGEFMITFPYGYHAGFNHGFNCAESTNFATRRWIE
YGKQAVLCSCRKDMVKISMDVFVRKFQPERYKLWKAGKDNTVIDHTLPTPEAAEFLKESEL
;
A,B
2 'polypeptide(L)' PATGGV(M3L)KPHRY C,D
#
# COMPACT_ATOMS: atom_id res chain seq x y z
N THR A 29 9.86 4.28 -22.21
CA THR A 29 9.09 4.18 -23.48
C THR A 29 8.97 2.72 -23.90
N LEU A 30 9.96 1.92 -23.50
CA LEU A 30 9.97 0.49 -23.83
C LEU A 30 9.02 -0.23 -22.88
N ASN A 31 7.81 -0.51 -23.36
CA ASN A 31 6.77 -1.16 -22.59
C ASN A 31 6.45 -0.39 -21.30
N PRO A 32 5.92 0.83 -21.45
CA PRO A 32 5.56 1.72 -20.33
C PRO A 32 4.27 1.23 -19.67
N SER A 33 3.65 0.23 -20.28
CA SER A 33 2.43 -0.36 -19.75
C SER A 33 2.88 -1.46 -18.79
N ALA A 34 4.18 -1.75 -18.86
CA ALA A 34 4.81 -2.77 -18.01
C ALA A 34 4.10 -4.11 -18.10
N ARG A 35 3.51 -4.39 -19.26
CA ARG A 35 2.79 -5.65 -19.46
C ARG A 35 3.71 -6.78 -19.90
N ILE A 36 3.32 -8.00 -19.59
CA ILE A 36 4.10 -9.16 -19.94
C ILE A 36 4.24 -9.30 -21.45
N MET A 37 5.48 -9.38 -21.92
CA MET A 37 5.76 -9.51 -23.35
C MET A 37 6.15 -10.94 -23.72
N THR A 38 5.87 -11.30 -24.98
CA THR A 38 6.20 -12.60 -25.53
C THR A 38 7.15 -12.40 -26.71
N PHE A 39 8.19 -13.22 -26.78
CA PHE A 39 9.17 -13.11 -27.85
C PHE A 39 9.29 -14.40 -28.66
N TYR A 40 9.59 -14.24 -29.96
CA TYR A 40 9.72 -15.38 -30.87
C TYR A 40 11.08 -15.38 -31.59
N PRO A 41 12.14 -15.80 -30.89
CA PRO A 41 13.47 -15.82 -31.50
C PRO A 41 13.63 -16.82 -32.64
N THR A 42 14.49 -16.46 -33.60
CA THR A 42 14.80 -17.34 -34.72
C THR A 42 15.88 -18.25 -34.15
N MET A 43 16.16 -19.36 -34.81
CA MET A 43 17.18 -20.27 -34.31
C MET A 43 18.53 -19.57 -34.11
N GLU A 44 18.82 -18.57 -34.94
CA GLU A 44 20.08 -17.84 -34.84
C GLU A 44 20.15 -16.97 -33.59
N GLU A 45 19.03 -16.34 -33.24
CA GLU A 45 19.00 -15.49 -32.05
C GLU A 45 18.95 -16.36 -30.81
N PHE A 46 18.33 -17.52 -30.95
CA PHE A 46 18.13 -18.47 -29.87
C PHE A 46 19.40 -19.11 -29.35
N ARG A 47 20.39 -19.27 -30.24
CA ARG A 47 21.65 -19.89 -29.85
C ARG A 47 22.40 -19.25 -28.69
N ASN A 48 22.52 -17.92 -28.66
CA ASN A 48 23.21 -17.26 -27.55
C ASN A 48 22.20 -16.84 -26.50
N PHE A 49 22.19 -17.54 -25.36
CA PHE A 49 21.24 -17.25 -24.28
C PHE A 49 21.35 -15.87 -23.64
N SER A 50 22.45 -15.60 -22.97
CA SER A 50 22.61 -14.33 -22.28
C SER A 50 22.44 -13.15 -23.23
N ARG A 51 22.81 -13.35 -24.50
CA ARG A 51 22.67 -12.29 -25.48
C ARG A 51 21.20 -12.02 -25.78
N TYR A 52 20.39 -13.06 -25.83
CA TYR A 52 18.98 -12.87 -26.10
C TYR A 52 18.29 -12.18 -24.93
N ILE A 53 18.67 -12.54 -23.70
CA ILE A 53 18.09 -11.93 -22.50
C ILE A 53 18.39 -10.44 -22.54
N ALA A 54 19.61 -10.10 -22.93
CA ALA A 54 20.01 -8.71 -23.02
C ALA A 54 19.12 -8.04 -24.07
N TYR A 55 18.78 -8.77 -25.12
CA TYR A 55 17.95 -8.21 -26.18
C TYR A 55 16.52 -7.93 -25.72
N ILE A 56 15.89 -8.90 -25.08
CA ILE A 56 14.51 -8.67 -24.65
C ILE A 56 14.45 -7.55 -23.62
N GLU A 57 15.51 -7.38 -22.84
CA GLU A 57 15.53 -6.30 -21.87
C GLU A 57 15.66 -4.98 -22.64
N SER A 58 16.35 -4.99 -23.78
CA SER A 58 16.50 -3.76 -24.56
C SER A 58 15.14 -3.41 -25.14
N GLN A 59 14.23 -4.39 -25.12
CA GLN A 59 12.89 -4.20 -25.62
C GLN A 59 11.93 -3.93 -24.45
N GLY A 60 12.48 -3.79 -23.25
CA GLY A 60 11.67 -3.52 -22.07
C GLY A 60 10.96 -4.71 -21.42
N ALA A 61 11.40 -5.92 -21.74
CA ALA A 61 10.76 -7.11 -21.18
C ALA A 61 10.84 -7.21 -19.64
N HIS A 62 11.94 -6.75 -19.05
CA HIS A 62 12.13 -6.84 -17.61
C HIS A 62 11.16 -6.00 -16.77
N ARG A 63 10.57 -4.98 -17.38
CA ARG A 63 9.68 -4.12 -16.62
C ARG A 63 8.48 -4.81 -16.00
N ALA A 64 7.89 -5.78 -16.70
CA ALA A 64 6.75 -6.52 -16.17
C ALA A 64 7.19 -7.53 -15.10
N GLY A 65 8.49 -7.81 -15.07
CA GLY A 65 9.04 -8.77 -14.13
C GLY A 65 8.90 -10.21 -14.61
N LEU A 66 8.22 -10.38 -15.72
CA LEU A 66 7.98 -11.71 -16.28
C LEU A 66 7.84 -11.58 -17.78
N ALA A 67 8.41 -12.53 -18.51
CA ALA A 67 8.33 -12.54 -19.97
C ALA A 67 8.29 -13.96 -20.52
N LYS A 68 7.58 -14.13 -21.64
CA LYS A 68 7.51 -15.44 -22.25
C LYS A 68 8.39 -15.49 -23.49
N VAL A 69 9.03 -16.64 -23.72
CA VAL A 69 9.86 -16.83 -24.89
C VAL A 69 9.48 -18.16 -25.54
N VAL A 70 8.97 -18.08 -26.77
CA VAL A 70 8.56 -19.25 -27.53
C VAL A 70 9.78 -19.60 -28.38
N PRO A 71 10.31 -20.81 -28.21
CA PRO A 71 11.49 -21.21 -28.98
C PRO A 71 11.15 -21.53 -30.43
N PRO A 72 12.16 -21.43 -31.32
CA PRO A 72 11.91 -21.72 -32.73
C PRO A 72 11.33 -23.14 -32.85
N LYS A 73 10.40 -23.33 -33.77
CA LYS A 73 9.73 -24.61 -33.98
C LYS A 73 10.64 -25.82 -34.16
N GLU A 74 11.85 -25.60 -34.66
CA GLU A 74 12.78 -26.70 -34.90
C GLU A 74 13.38 -27.28 -33.62
N TRP A 75 13.63 -26.40 -32.65
CA TRP A 75 14.23 -26.76 -31.38
C TRP A 75 13.40 -27.71 -30.51
N LYS A 76 14.09 -28.62 -29.85
CA LYS A 76 13.45 -29.60 -28.96
C LYS A 76 14.52 -30.02 -27.94
N PRO A 77 14.20 -29.91 -26.64
CA PRO A 77 15.15 -30.29 -25.58
C PRO A 77 15.29 -31.79 -25.37
N ARG A 78 14.26 -32.53 -25.80
CA ARG A 78 14.24 -33.97 -25.64
C ARG A 78 13.36 -34.58 -26.73
N ALA A 79 13.78 -35.73 -27.25
CA ALA A 79 13.05 -36.41 -28.32
C ALA A 79 11.68 -36.93 -27.91
N SER A 80 11.58 -37.49 -26.71
CA SER A 80 10.31 -38.03 -26.24
C SER A 80 10.29 -38.12 -24.71
N TYR A 81 9.12 -37.90 -24.11
CA TYR A 81 8.96 -37.96 -22.67
C TYR A 81 8.22 -39.23 -22.25
N ASP A 82 8.38 -40.30 -23.00
CA ASP A 82 7.69 -41.55 -22.67
C ASP A 82 8.55 -42.50 -21.84
N ASP A 83 9.81 -42.15 -21.63
CA ASP A 83 10.73 -43.00 -20.89
C ASP A 83 11.05 -42.52 -19.47
N ILE A 84 10.11 -41.83 -18.83
CA ILE A 84 10.38 -41.33 -17.48
C ILE A 84 9.44 -41.80 -16.39
N ASP A 85 8.58 -42.77 -16.70
CA ASP A 85 7.62 -43.26 -15.71
C ASP A 85 8.25 -43.80 -14.44
N ASP A 86 9.49 -44.27 -14.52
CA ASP A 86 10.17 -44.81 -13.34
C ASP A 86 10.95 -43.74 -12.58
N LEU A 87 10.91 -42.51 -13.08
CA LEU A 87 11.60 -41.41 -12.40
C LEU A 87 10.91 -41.26 -11.06
N VAL A 88 11.70 -41.14 -10.00
CA VAL A 88 11.14 -41.01 -8.66
C VAL A 88 11.01 -39.58 -8.16
N ILE A 89 9.91 -39.30 -7.49
CA ILE A 89 9.65 -37.99 -6.88
C ILE A 89 9.83 -38.28 -5.39
N PRO A 90 11.05 -38.07 -4.87
CA PRO A 90 11.47 -38.30 -3.48
C PRO A 90 10.60 -37.70 -2.38
N ALA A 91 10.23 -36.44 -2.55
CA ALA A 91 9.44 -35.77 -1.52
C ALA A 91 8.21 -35.00 -2.02
N PRO A 92 7.16 -35.72 -2.45
CA PRO A 92 5.96 -35.02 -2.93
C PRO A 92 5.35 -34.25 -1.77
N ILE A 93 4.73 -33.11 -2.05
CA ILE A 93 4.10 -32.35 -0.98
C ILE A 93 2.61 -32.14 -1.23
N GLN A 94 1.81 -32.32 -0.18
CA GLN A 94 0.38 -32.09 -0.27
C GLN A 94 0.22 -30.66 0.20
N GLN A 95 -0.46 -29.85 -0.60
CA GLN A 95 -0.65 -28.43 -0.30
C GLN A 95 -1.92 -28.09 0.45
N LEU A 96 -1.81 -27.98 1.77
CA LEU A 96 -2.94 -27.63 2.62
C LEU A 96 -2.96 -26.09 2.62
N VAL A 97 -4.13 -25.53 2.39
CA VAL A 97 -4.27 -24.09 2.33
C VAL A 97 -5.38 -23.59 3.21
N THR A 98 -5.04 -22.62 4.07
CA THR A 98 -6.02 -22.03 4.97
C THR A 98 -6.10 -20.53 4.70
N GLY A 99 -7.31 -20.00 4.63
CA GLY A 99 -7.44 -18.57 4.40
C GLY A 99 -8.86 -18.19 4.01
N GLN A 100 -9.04 -16.92 3.67
CA GLN A 100 -10.34 -16.39 3.27
C GLN A 100 -10.15 -14.99 2.70
N SER A 101 -11.18 -14.48 2.04
CA SER A 101 -11.15 -13.13 1.46
C SER A 101 -9.90 -12.84 0.63
N GLY A 102 -9.46 -13.80 -0.17
CA GLY A 102 -8.30 -13.61 -1.02
C GLY A 102 -6.91 -13.71 -0.40
N LEU A 103 -6.82 -13.97 0.89
CA LEU A 103 -5.54 -14.07 1.58
C LEU A 103 -5.39 -15.47 2.14
N PHE A 104 -4.35 -16.18 1.74
CA PHE A 104 -4.13 -17.54 2.22
C PHE A 104 -2.68 -17.86 2.60
N THR A 105 -2.53 -18.93 3.38
CA THR A 105 -1.24 -19.43 3.81
C THR A 105 -1.23 -20.91 3.42
N GLN A 106 -0.16 -21.32 2.76
CA GLN A 106 -0.02 -22.68 2.28
C GLN A 106 1.00 -23.48 3.07
N TYR A 107 0.59 -24.65 3.53
CA TYR A 107 1.41 -25.56 4.32
C TYR A 107 1.73 -26.78 3.46
N ASN A 108 3.00 -26.94 3.12
CA ASN A 108 3.40 -28.07 2.29
C ASN A 108 3.78 -29.29 3.12
N ILE A 109 2.91 -30.30 3.12
CA ILE A 109 3.13 -31.53 3.89
C ILE A 109 3.83 -32.59 3.05
N GLN A 110 5.01 -33.01 3.49
CA GLN A 110 5.77 -34.02 2.76
C GLN A 110 5.10 -35.40 2.81
N LYS A 111 4.96 -36.03 1.65
CA LYS A 111 4.34 -37.35 1.57
C LYS A 111 5.37 -38.37 1.11
N LYS A 112 5.01 -39.65 1.16
CA LYS A 112 5.92 -40.71 0.76
C LYS A 112 6.33 -40.58 -0.71
N ALA A 113 7.54 -41.02 -1.01
CA ALA A 113 8.06 -40.97 -2.38
C ALA A 113 7.16 -41.76 -3.33
N MET A 114 7.19 -41.39 -4.59
CA MET A 114 6.40 -42.07 -5.61
C MET A 114 7.02 -41.78 -6.96
N THR A 115 6.72 -42.64 -7.93
CA THR A 115 7.25 -42.47 -9.28
C THR A 115 6.31 -41.58 -10.10
N VAL A 116 6.79 -41.11 -11.23
CA VAL A 116 5.99 -40.26 -12.10
C VAL A 116 4.71 -40.94 -12.55
N ARG A 117 4.79 -42.22 -12.93
CA ARG A 117 3.59 -42.92 -13.36
C ARG A 117 2.54 -42.92 -12.26
N GLU A 118 2.97 -43.08 -11.01
CA GLU A 118 2.03 -43.09 -9.90
C GLU A 118 1.41 -41.69 -9.71
N PHE A 119 2.25 -40.66 -9.82
CA PHE A 119 1.80 -39.28 -9.68
C PHE A 119 0.78 -38.98 -10.78
N ARG A 120 1.09 -39.40 -12.00
CA ARG A 120 0.22 -39.20 -13.16
C ARG A 120 -1.14 -39.84 -12.93
N LYS A 121 -1.16 -41.06 -12.39
CA LYS A 121 -2.43 -41.74 -12.16
C LYS A 121 -3.30 -40.94 -11.21
N ILE A 122 -2.69 -40.37 -10.17
CA ILE A 122 -3.43 -39.57 -9.20
C ILE A 122 -3.84 -38.24 -9.83
N ALA A 123 -2.91 -37.63 -10.56
CA ALA A 123 -3.16 -36.35 -11.22
C ALA A 123 -4.35 -36.41 -12.17
N ASN A 124 -4.40 -37.48 -12.96
CA ASN A 124 -5.48 -37.65 -13.92
C ASN A 124 -6.71 -38.36 -13.34
N SER A 125 -6.63 -38.81 -12.09
CA SER A 125 -7.76 -39.49 -11.46
C SER A 125 -8.96 -38.55 -11.33
N ASP A 126 -10.15 -39.12 -11.19
CA ASP A 126 -11.38 -38.32 -11.08
C ASP A 126 -11.39 -37.40 -9.88
N LYS A 127 -10.59 -37.72 -8.86
CA LYS A 127 -10.56 -36.91 -7.65
C LYS A 127 -9.73 -35.62 -7.80
N TYR A 128 -8.63 -35.68 -8.53
CA TYR A 128 -7.77 -34.51 -8.69
C TYR A 128 -7.68 -33.90 -10.08
N CYS A 129 -8.36 -34.48 -11.07
CA CYS A 129 -8.28 -33.96 -12.44
C CYS A 129 -8.88 -32.57 -12.59
N THR A 130 -8.47 -31.88 -13.65
CA THR A 130 -8.93 -30.54 -13.95
C THR A 130 -10.44 -30.49 -14.17
N PRO A 131 -11.15 -29.57 -13.51
CA PRO A 131 -12.59 -29.48 -13.69
C PRO A 131 -12.91 -28.96 -15.09
N ARG A 132 -14.08 -29.32 -15.60
CA ARG A 132 -14.45 -28.86 -16.93
C ARG A 132 -14.63 -27.35 -16.89
N TYR A 133 -14.31 -26.69 -17.99
CA TYR A 133 -14.43 -25.24 -18.08
C TYR A 133 -14.41 -24.77 -19.53
N SER A 134 -14.84 -23.54 -19.76
CA SER A 134 -14.87 -22.97 -21.09
C SER A 134 -13.66 -22.10 -21.38
N GLU A 135 -13.63 -20.91 -20.78
CA GLU A 135 -12.51 -19.98 -20.98
C GLU A 135 -11.59 -19.99 -19.76
N PHE A 136 -10.41 -19.42 -19.92
CA PHE A 136 -9.45 -19.37 -18.81
C PHE A 136 -10.05 -18.69 -17.58
N GLU A 137 -10.66 -17.52 -17.78
CA GLU A 137 -11.25 -16.80 -16.66
C GLU A 137 -12.08 -17.71 -15.76
N GLU A 138 -12.74 -18.70 -16.35
CA GLU A 138 -13.57 -19.61 -15.58
C GLU A 138 -12.71 -20.52 -14.72
N LEU A 139 -11.67 -21.11 -15.31
CA LEU A 139 -10.80 -21.99 -14.55
C LEU A 139 -10.15 -21.18 -13.41
N GLU A 140 -9.72 -19.97 -13.71
CA GLU A 140 -9.10 -19.09 -12.72
C GLU A 140 -10.05 -18.84 -11.56
N ARG A 141 -11.34 -18.68 -11.87
CA ARG A 141 -12.36 -18.46 -10.85
C ARG A 141 -12.46 -19.71 -9.97
N LYS A 142 -12.46 -20.89 -10.61
CA LYS A 142 -12.54 -22.14 -9.88
C LYS A 142 -11.30 -22.36 -9.00
N TYR A 143 -10.14 -21.93 -9.47
CA TYR A 143 -8.93 -22.07 -8.68
C TYR A 143 -9.02 -21.27 -7.36
N TRP A 144 -9.35 -20.00 -7.47
CA TRP A 144 -9.45 -19.15 -6.29
C TRP A 144 -10.61 -19.49 -5.39
N LYS A 145 -11.62 -20.16 -5.95
CA LYS A 145 -12.79 -20.55 -5.18
C LYS A 145 -12.57 -21.87 -4.42
N ASN A 146 -11.80 -22.78 -5.01
CA ASN A 146 -11.56 -24.09 -4.40
C ASN A 146 -10.13 -24.36 -3.91
N LEU A 147 -9.25 -23.36 -3.86
CA LEU A 147 -7.89 -23.65 -3.44
C LEU A 147 -7.70 -24.21 -2.04
N THR A 148 -8.65 -23.99 -1.14
CA THR A 148 -8.53 -24.52 0.22
C THR A 148 -9.17 -25.90 0.37
N PHE A 149 -9.79 -26.39 -0.70
CA PHE A 149 -10.48 -27.69 -0.69
C PHE A 149 -9.65 -28.74 -1.38
N ASN A 150 -9.94 -30.01 -1.07
CA ASN A 150 -9.27 -31.15 -1.67
C ASN A 150 -7.79 -30.90 -1.99
N PRO A 151 -6.96 -30.73 -0.96
CA PRO A 151 -5.52 -30.49 -1.12
C PRO A 151 -4.81 -31.41 -2.11
N PRO A 152 -4.24 -30.82 -3.18
CA PRO A 152 -3.52 -31.57 -4.21
C PRO A 152 -2.09 -31.93 -3.84
N ILE A 153 -1.46 -32.74 -4.67
CA ILE A 153 -0.09 -33.16 -4.45
C ILE A 153 0.76 -32.53 -5.52
N TYR A 154 1.88 -31.94 -5.12
CA TYR A 154 2.78 -31.29 -6.04
C TYR A 154 4.15 -31.97 -6.00
N GLY A 155 4.62 -32.46 -7.15
CA GLY A 155 5.93 -33.10 -7.21
C GLY A 155 6.93 -32.00 -7.49
N ALA A 156 7.05 -31.11 -6.52
CA ALA A 156 7.92 -29.95 -6.66
C ALA A 156 9.38 -30.10 -6.20
N ASP A 157 10.22 -29.20 -6.68
CA ASP A 157 11.63 -29.14 -6.30
C ASP A 157 12.38 -30.45 -6.37
N VAL A 158 12.28 -31.13 -7.50
CA VAL A 158 12.95 -32.41 -7.71
C VAL A 158 14.30 -32.23 -8.41
N ASN A 159 15.37 -32.74 -7.81
CA ASN A 159 16.67 -32.63 -8.46
C ASN A 159 16.67 -33.37 -9.79
N GLY A 160 17.10 -32.71 -10.87
CA GLY A 160 17.13 -33.37 -12.17
C GLY A 160 16.80 -32.49 -13.36
N THR A 161 17.06 -33.03 -14.54
CA THR A 161 16.82 -32.34 -15.80
C THR A 161 16.27 -33.36 -16.77
N LEU A 162 15.50 -32.90 -17.76
CA LEU A 162 14.95 -33.81 -18.77
C LEU A 162 15.56 -33.48 -20.12
N TYR A 163 16.52 -32.56 -20.12
CA TYR A 163 17.19 -32.20 -21.36
C TYR A 163 18.11 -33.35 -21.77
N GLU A 164 18.29 -33.50 -23.08
CA GLU A 164 19.19 -34.51 -23.62
C GLU A 164 20.54 -33.77 -23.58
N LYS A 165 21.59 -34.43 -23.11
CA LYS A 165 22.91 -33.81 -22.97
C LYS A 165 23.53 -33.12 -24.19
N HIS A 166 22.97 -33.35 -25.37
CA HIS A 166 23.53 -32.76 -26.58
C HIS A 166 22.85 -31.45 -26.98
N VAL A 167 21.88 -31.02 -26.18
CA VAL A 167 21.17 -29.78 -26.48
C VAL A 167 21.96 -28.60 -25.93
N ASP A 168 22.56 -27.82 -26.82
CA ASP A 168 23.36 -26.68 -26.39
C ASP A 168 22.61 -25.36 -26.23
N GLU A 169 21.42 -25.24 -26.84
CA GLU A 169 20.66 -23.99 -26.74
C GLU A 169 19.68 -23.98 -25.58
N TRP A 170 19.74 -22.95 -24.76
CA TRP A 170 18.85 -22.80 -23.62
C TRP A 170 18.77 -24.06 -22.78
N ASN A 171 19.91 -24.70 -22.57
CA ASN A 171 19.98 -25.90 -21.76
C ASN A 171 20.01 -25.42 -20.30
N ILE A 172 18.90 -25.63 -19.60
CA ILE A 172 18.78 -25.19 -18.21
C ILE A 172 19.86 -25.72 -17.27
N GLY A 173 20.50 -26.81 -17.67
CA GLY A 173 21.57 -27.40 -16.86
C GLY A 173 22.90 -26.66 -17.06
N ARG A 174 22.99 -25.90 -18.15
CA ARG A 174 24.21 -25.16 -18.46
C ARG A 174 23.91 -23.95 -19.33
N LEU A 175 23.45 -22.88 -18.69
CA LEU A 175 23.10 -21.65 -19.38
C LEU A 175 24.30 -20.75 -19.69
N ARG A 176 25.36 -20.89 -18.91
CA ARG A 176 26.56 -20.09 -19.09
C ARG A 176 26.39 -18.59 -18.81
N THR A 177 25.86 -18.25 -17.64
CA THR A 177 25.70 -16.85 -17.26
C THR A 177 26.70 -16.61 -16.12
N ILE A 178 26.90 -15.36 -15.74
CA ILE A 178 27.85 -15.06 -14.66
C ILE A 178 27.50 -15.72 -13.34
N LEU A 179 26.27 -16.24 -13.20
CA LEU A 179 25.94 -16.90 -11.94
C LEU A 179 26.90 -18.07 -11.75
N ASP A 180 27.45 -18.59 -12.85
CA ASP A 180 28.40 -19.71 -12.78
C ASP A 180 29.60 -19.38 -11.89
N LEU A 181 29.87 -18.09 -11.69
CA LEU A 181 30.99 -17.67 -10.84
C LEU A 181 30.93 -18.28 -9.45
N VAL A 182 29.73 -18.55 -8.96
CA VAL A 182 29.59 -19.12 -7.62
C VAL A 182 30.25 -20.50 -7.51
N GLU A 183 29.92 -21.39 -8.44
CA GLU A 183 30.47 -22.74 -8.44
C GLU A 183 31.93 -22.77 -8.88
N LYS A 184 32.28 -21.92 -9.85
CA LYS A 184 33.65 -21.85 -10.38
C LYS A 184 34.70 -21.33 -9.39
N GLU A 185 34.30 -20.38 -8.53
CA GLU A 185 35.23 -19.78 -7.58
C GLU A 185 35.14 -20.32 -6.15
N SER A 186 33.94 -20.70 -5.72
CA SER A 186 33.79 -21.22 -4.37
C SER A 186 33.48 -22.72 -4.38
N GLY A 187 33.25 -23.27 -5.57
CA GLY A 187 32.93 -24.68 -5.69
C GLY A 187 31.68 -25.05 -4.92
N ILE A 188 30.83 -24.05 -4.67
CA ILE A 188 29.60 -24.30 -3.91
C ILE A 188 28.39 -24.54 -4.81
N THR A 189 27.70 -25.64 -4.54
CA THR A 189 26.51 -26.01 -5.29
C THR A 189 25.25 -25.69 -4.48
N ILE A 190 24.37 -24.88 -5.06
CA ILE A 190 23.10 -24.53 -4.39
C ILE A 190 22.03 -25.14 -5.28
N GLU A 191 21.53 -26.31 -4.88
CA GLU A 191 20.53 -27.03 -5.66
C GLU A 191 19.30 -26.18 -5.93
N GLY A 192 18.85 -26.23 -7.18
CA GLY A 192 17.69 -25.46 -7.59
C GLY A 192 18.09 -24.06 -8.05
N VAL A 193 19.24 -23.58 -7.58
CA VAL A 193 19.73 -22.25 -7.95
C VAL A 193 20.76 -22.33 -9.07
N ASN A 194 21.83 -23.09 -8.86
CA ASN A 194 22.82 -23.27 -9.93
C ASN A 194 22.71 -24.69 -10.49
N THR A 195 21.61 -25.36 -10.17
CA THR A 195 21.32 -26.71 -10.68
C THR A 195 19.82 -26.74 -11.00
N PRO A 196 19.41 -27.60 -11.93
CA PRO A 196 17.98 -27.68 -12.30
C PRO A 196 17.03 -28.42 -11.35
N TYR A 197 15.78 -27.95 -11.32
CA TYR A 197 14.72 -28.52 -10.50
C TYR A 197 13.56 -28.89 -11.40
N LEU A 198 12.92 -30.02 -11.14
CA LEU A 198 11.77 -30.43 -11.93
C LEU A 198 10.52 -30.26 -11.08
N TYR A 199 9.43 -29.95 -11.73
CA TYR A 199 8.15 -29.74 -11.05
C TYR A 199 7.04 -30.49 -11.77
N PHE A 200 6.51 -31.52 -11.13
CA PHE A 200 5.41 -32.27 -11.70
C PHE A 200 4.17 -31.76 -10.99
N GLY A 201 3.29 -31.10 -11.73
CA GLY A 201 2.09 -30.56 -11.11
C GLY A 201 0.79 -31.24 -11.52
N MET A 202 -0.27 -30.92 -10.80
CA MET A 202 -1.60 -31.44 -11.11
C MET A 202 -2.52 -30.25 -10.90
N TRP A 203 -3.80 -30.43 -11.18
CA TRP A 203 -4.77 -29.35 -11.01
C TRP A 203 -4.74 -28.71 -9.63
N LYS A 204 -4.76 -27.39 -9.62
CA LYS A 204 -4.78 -26.62 -8.39
C LYS A 204 -3.48 -26.54 -7.55
N THR A 205 -2.41 -27.17 -8.01
CA THR A 205 -1.15 -27.06 -7.28
C THR A 205 -0.66 -25.62 -7.53
N SER A 206 -0.13 -24.98 -6.49
CA SER A 206 0.29 -23.58 -6.57
C SER A 206 1.70 -23.21 -6.09
N PHE A 207 2.16 -22.07 -6.59
CA PHE A 207 3.41 -21.54 -6.12
C PHE A 207 3.06 -20.13 -5.61
N ALA A 208 3.39 -19.92 -4.34
CA ALA A 208 3.13 -18.68 -3.64
C ALA A 208 3.97 -17.52 -4.20
N TRP A 209 3.57 -16.31 -3.80
CA TRP A 209 4.23 -15.07 -4.20
C TRP A 209 5.64 -15.00 -3.68
N HIS A 210 6.59 -14.62 -4.54
CA HIS A 210 7.97 -14.51 -4.12
C HIS A 210 8.79 -13.97 -5.28
N THR A 211 10.02 -13.57 -4.96
CA THR A 211 10.99 -13.17 -5.97
C THR A 211 12.00 -14.32 -5.82
N GLU A 212 12.91 -14.48 -6.77
CA GLU A 212 13.91 -15.54 -6.68
C GLU A 212 14.85 -15.29 -5.50
N ASP A 213 15.53 -16.33 -5.04
CA ASP A 213 16.49 -16.19 -3.95
C ASP A 213 17.53 -15.18 -4.43
N MET A 214 17.99 -14.32 -3.53
CA MET A 214 18.99 -13.30 -3.86
C MET A 214 18.49 -12.42 -5.02
N ASP A 215 17.18 -12.39 -5.20
CA ASP A 215 16.54 -11.63 -6.25
C ASP A 215 17.13 -11.85 -7.65
N LEU A 216 17.49 -13.10 -7.92
CA LEU A 216 18.06 -13.51 -9.21
C LEU A 216 16.99 -13.65 -10.31
N TYR A 217 17.45 -13.94 -11.52
CA TYR A 217 16.56 -14.20 -12.65
C TYR A 217 16.21 -15.68 -12.49
N SER A 218 15.18 -16.13 -13.20
CA SER A 218 14.83 -17.55 -13.20
C SER A 218 14.35 -17.91 -14.61
N ILE A 219 14.59 -19.14 -15.01
CA ILE A 219 14.14 -19.63 -16.31
C ILE A 219 13.24 -20.83 -15.99
N ASN A 220 12.10 -20.92 -16.68
CA ASN A 220 11.15 -22.00 -16.43
C ASN A 220 10.60 -22.51 -17.75
N TYR A 221 10.89 -23.76 -18.06
CA TYR A 221 10.44 -24.41 -19.28
C TYR A 221 9.39 -25.47 -18.98
N LEU A 222 8.23 -25.37 -19.64
CA LEU A 222 7.17 -26.37 -19.44
C LEU A 222 7.41 -27.48 -20.45
N HIS A 223 7.98 -28.59 -19.99
CA HIS A 223 8.30 -29.73 -20.84
C HIS A 223 7.09 -30.33 -21.56
N PHE A 224 6.04 -30.63 -20.81
CA PHE A 224 4.83 -31.22 -21.40
C PHE A 224 3.65 -31.09 -20.44
N GLY A 225 2.47 -31.46 -20.94
CA GLY A 225 1.27 -31.42 -20.11
C GLY A 225 0.42 -30.17 -20.20
N GLU A 226 -0.49 -30.04 -19.24
CA GLU A 226 -1.40 -28.91 -19.16
C GLU A 226 -0.66 -27.62 -18.80
N PRO A 227 -1.29 -26.46 -19.04
CA PRO A 227 -0.72 -25.14 -18.76
C PRO A 227 -0.39 -24.79 -17.32
N LYS A 228 0.38 -23.72 -17.18
CA LYS A 228 0.78 -23.17 -15.88
C LYS A 228 0.50 -21.66 -16.03
N SER A 229 -0.38 -21.13 -15.18
CA SER A 229 -0.72 -19.70 -15.23
C SER A 229 0.09 -18.93 -14.21
N TRP A 230 0.46 -17.72 -14.60
CA TRP A 230 1.29 -16.86 -13.77
C TRP A 230 0.71 -15.49 -13.52
N TYR A 231 1.07 -14.93 -12.38
CA TYR A 231 0.72 -13.57 -12.00
C TYR A 231 2.08 -12.92 -11.77
N SER A 232 2.22 -11.65 -12.13
CA SER A 232 3.49 -10.96 -11.93
C SER A 232 3.31 -9.47 -11.58
N VAL A 233 4.13 -8.98 -10.67
CA VAL A 233 4.10 -7.57 -10.29
C VAL A 233 5.39 -6.93 -10.80
N PRO A 234 5.28 -5.78 -11.48
CA PRO A 234 6.46 -5.07 -12.00
C PRO A 234 7.46 -4.84 -10.88
N PRO A 235 8.74 -5.09 -11.15
CA PRO A 235 9.75 -4.87 -10.11
C PRO A 235 9.69 -3.47 -9.52
N GLU A 236 9.34 -2.48 -10.33
CA GLU A 236 9.27 -1.10 -9.84
C GLU A 236 8.10 -0.87 -8.89
N HIS A 237 7.28 -1.90 -8.69
CA HIS A 237 6.16 -1.79 -7.76
C HIS A 237 6.23 -2.92 -6.73
N GLY A 238 7.36 -3.62 -6.69
CA GLY A 238 7.52 -4.71 -5.75
C GLY A 238 7.32 -4.33 -4.28
N LYS A 239 7.91 -3.21 -3.87
CA LYS A 239 7.78 -2.74 -2.50
C LYS A 239 6.33 -2.59 -2.07
N ARG A 240 5.49 -2.13 -2.98
CA ARG A 240 4.07 -1.97 -2.69
C ARG A 240 3.44 -3.31 -2.30
N LEU A 241 3.79 -4.36 -3.02
CA LEU A 241 3.27 -5.68 -2.70
C LEU A 241 3.80 -6.12 -1.32
N GLU A 242 5.09 -5.91 -1.07
CA GLU A 242 5.68 -6.30 0.24
C GLU A 242 4.97 -5.55 1.36
N ARG A 243 4.71 -4.28 1.12
CA ARG A 243 4.04 -3.42 2.07
C ARG A 243 2.64 -3.98 2.35
N LEU A 244 1.93 -4.30 1.27
CA LEU A 244 0.59 -4.84 1.39
C LEU A 244 0.60 -6.18 2.14
N ALA A 245 1.53 -7.06 1.78
CA ALA A 245 1.65 -8.35 2.43
C ALA A 245 1.94 -8.22 3.92
N LYS A 246 2.84 -7.31 4.27
CA LYS A 246 3.21 -7.06 5.66
C LYS A 246 1.98 -6.63 6.45
N GLY A 247 1.09 -5.87 5.82
CA GLY A 247 -0.12 -5.44 6.48
C GLY A 247 -1.08 -6.59 6.72
N PHE A 248 -1.17 -7.51 5.76
CA PHE A 248 -2.05 -8.66 5.90
C PHE A 248 -1.56 -9.68 6.90
N PHE A 249 -0.24 -9.87 6.96
CA PHE A 249 0.33 -10.84 7.88
C PHE A 249 1.37 -10.17 8.77
N PRO A 250 0.91 -9.32 9.70
CA PRO A 250 1.77 -8.58 10.63
C PRO A 250 2.62 -9.47 11.53
N GLY A 251 2.05 -10.56 12.02
CA GLY A 251 2.81 -11.48 12.85
C GLY A 251 3.97 -12.08 12.08
N SER A 252 3.69 -12.58 10.87
CA SER A 252 4.71 -13.17 10.02
C SER A 252 5.81 -12.15 9.71
N ALA A 253 5.41 -10.92 9.43
CA ALA A 253 6.37 -9.86 9.14
C ALA A 253 7.19 -9.54 10.39
N GLN A 254 6.57 -9.66 11.56
CA GLN A 254 7.27 -9.38 12.81
C GLN A 254 8.39 -10.39 13.03
N SER A 255 8.09 -11.66 12.75
CA SER A 255 9.08 -12.72 12.93
C SER A 255 10.18 -12.72 11.88
N CYS A 256 9.87 -12.22 10.69
CA CYS A 256 10.85 -12.20 9.61
C CYS A 256 10.44 -11.17 8.56
N GLU A 257 11.32 -10.21 8.29
CA GLU A 257 11.02 -9.18 7.30
C GLU A 257 10.82 -9.75 5.90
N ALA A 258 11.59 -10.78 5.55
CA ALA A 258 11.48 -11.40 4.23
C ALA A 258 10.63 -12.68 4.29
N PHE A 259 9.57 -12.64 5.10
CA PHE A 259 8.72 -13.81 5.27
C PHE A 259 8.15 -14.37 3.96
N LEU A 260 8.00 -13.53 2.94
CA LEU A 260 7.48 -14.00 1.65
C LEU A 260 8.42 -15.05 1.04
N ARG A 261 9.69 -15.02 1.42
CA ARG A 261 10.64 -15.99 0.88
C ARG A 261 10.35 -17.38 1.42
N HIS A 262 9.43 -17.47 2.39
CA HIS A 262 9.05 -18.77 2.95
C HIS A 262 8.19 -19.50 1.93
N LYS A 263 7.72 -18.74 0.94
CA LYS A 263 6.87 -19.27 -0.13
C LYS A 263 5.61 -19.94 0.39
N MET A 264 4.92 -19.27 1.29
CA MET A 264 3.70 -19.83 1.86
C MET A 264 2.52 -18.89 1.68
N THR A 265 2.78 -17.70 1.14
CA THR A 265 1.74 -16.68 1.02
C THR A 265 1.05 -16.59 -0.34
N LEU A 266 -0.26 -16.75 -0.32
CA LEU A 266 -1.07 -16.68 -1.53
C LEU A 266 -1.99 -15.46 -1.44
N ILE A 267 -2.06 -14.69 -2.52
CA ILE A 267 -2.87 -13.48 -2.58
C ILE A 267 -3.54 -13.44 -3.93
N SER A 268 -4.87 -13.36 -3.92
CA SER A 268 -5.65 -13.33 -5.15
C SER A 268 -5.54 -12.04 -5.91
N PRO A 269 -5.72 -12.10 -7.25
CA PRO A 269 -5.63 -10.90 -8.08
C PRO A 269 -6.70 -9.88 -7.71
N LEU A 270 -7.85 -10.34 -7.20
CA LEU A 270 -8.92 -9.44 -6.79
C LEU A 270 -8.44 -8.60 -5.62
N MET A 271 -7.59 -9.17 -4.77
CA MET A 271 -7.06 -8.40 -3.65
C MET A 271 -6.00 -7.45 -4.13
N LEU A 272 -5.23 -7.86 -5.13
CA LEU A 272 -4.21 -6.99 -5.69
C LEU A 272 -4.88 -5.76 -6.30
N LYS A 273 -5.92 -6.00 -7.10
CA LYS A 273 -6.64 -4.91 -7.75
C LYS A 273 -7.29 -3.99 -6.74
N LYS A 274 -7.90 -4.57 -5.72
CA LYS A 274 -8.58 -3.81 -4.67
C LYS A 274 -7.64 -2.83 -3.98
N TYR A 275 -6.39 -3.25 -3.74
CA TYR A 275 -5.43 -2.39 -3.07
C TYR A 275 -4.50 -1.62 -3.99
N GLY A 276 -4.81 -1.62 -5.27
CA GLY A 276 -4.01 -0.87 -6.22
C GLY A 276 -2.65 -1.40 -6.58
N ILE A 277 -2.41 -2.70 -6.40
CA ILE A 277 -1.12 -3.26 -6.77
C ILE A 277 -1.16 -3.62 -8.26
N PRO A 278 -0.31 -3.00 -9.07
CA PRO A 278 -0.28 -3.29 -10.51
C PRO A 278 0.20 -4.72 -10.75
N PHE A 279 -0.39 -5.41 -11.72
CA PHE A 279 0.04 -6.77 -12.02
C PHE A 279 -0.50 -7.19 -13.37
N ASP A 280 -0.03 -8.32 -13.87
CA ASP A 280 -0.50 -8.83 -15.14
C ASP A 280 -0.51 -10.35 -14.98
N LYS A 281 -1.14 -11.04 -15.94
CA LYS A 281 -1.21 -12.50 -15.88
C LYS A 281 -0.93 -13.08 -17.26
N VAL A 282 -0.46 -14.32 -17.27
CA VAL A 282 -0.16 -14.97 -18.52
C VAL A 282 -0.19 -16.46 -18.29
N THR A 283 -0.55 -17.21 -19.33
CA THR A 283 -0.59 -18.66 -19.25
C THR A 283 0.51 -19.21 -20.14
N GLN A 284 1.33 -20.08 -19.55
CA GLN A 284 2.46 -20.71 -20.21
C GLN A 284 1.97 -22.06 -20.73
N GLU A 285 2.24 -22.36 -21.99
CA GLU A 285 1.82 -23.61 -22.62
C GLU A 285 3.05 -24.52 -22.77
N ALA A 286 2.81 -25.81 -22.98
CA ALA A 286 3.90 -26.76 -23.16
C ALA A 286 4.84 -26.31 -24.29
N GLY A 287 6.14 -26.38 -24.05
CA GLY A 287 7.09 -25.98 -25.07
C GLY A 287 7.45 -24.51 -25.04
N GLU A 288 6.97 -23.80 -24.02
CA GLU A 288 7.26 -22.39 -23.90
C GLU A 288 8.09 -22.09 -22.65
N PHE A 289 8.95 -21.08 -22.76
CA PHE A 289 9.79 -20.63 -21.67
C PHE A 289 9.22 -19.40 -20.99
N MET A 290 9.45 -19.29 -19.69
CA MET A 290 9.02 -18.13 -18.92
C MET A 290 10.30 -17.67 -18.21
N ILE A 291 10.58 -16.37 -18.28
CA ILE A 291 11.75 -15.78 -17.67
C ILE A 291 11.26 -14.80 -16.61
N THR A 292 11.75 -14.92 -15.38
CA THR A 292 11.35 -13.96 -14.33
C THR A 292 12.59 -13.11 -14.13
N PHE A 293 12.39 -11.81 -13.86
CA PHE A 293 13.49 -10.89 -13.71
C PHE A 293 13.76 -10.49 -12.26
N PRO A 294 14.96 -9.97 -11.98
CA PRO A 294 15.32 -9.56 -10.62
C PRO A 294 14.25 -8.74 -9.92
N TYR A 295 13.90 -9.19 -8.72
CA TYR A 295 12.91 -8.52 -7.89
C TYR A 295 11.53 -8.49 -8.52
N GLY A 296 11.26 -9.40 -9.43
CA GLY A 296 9.95 -9.46 -10.05
C GLY A 296 9.14 -10.49 -9.27
N TYR A 297 8.11 -10.03 -8.56
CA TYR A 297 7.24 -10.92 -7.79
C TYR A 297 6.27 -11.71 -8.66
N HIS A 298 6.15 -13.00 -8.38
CA HIS A 298 5.24 -13.82 -9.14
C HIS A 298 4.64 -14.95 -8.32
N ALA A 299 3.53 -15.48 -8.82
CA ALA A 299 2.81 -16.57 -8.17
C ALA A 299 2.02 -17.22 -9.28
N GLY A 300 1.45 -18.39 -9.03
CA GLY A 300 0.68 -19.05 -10.06
C GLY A 300 0.11 -20.40 -9.64
N PHE A 301 -0.42 -21.14 -10.62
CA PHE A 301 -1.00 -22.46 -10.37
C PHE A 301 -1.00 -23.28 -11.66
N ASN A 302 -1.03 -24.61 -11.52
CA ASN A 302 -1.01 -25.50 -12.67
C ASN A 302 -2.43 -25.90 -13.03
N HIS A 303 -2.73 -25.95 -14.32
CA HIS A 303 -4.06 -26.32 -14.79
C HIS A 303 -4.32 -27.81 -14.67
N GLY A 304 -3.25 -28.60 -14.71
CA GLY A 304 -3.41 -30.04 -14.60
C GLY A 304 -2.08 -30.73 -14.61
N PHE A 305 -2.07 -32.04 -14.89
CA PHE A 305 -0.81 -32.78 -14.92
C PHE A 305 0.17 -32.16 -15.91
N ASN A 306 1.38 -31.85 -15.43
CA ASN A 306 2.41 -31.28 -16.30
C ASN A 306 3.79 -31.43 -15.68
N CYS A 307 4.81 -30.96 -16.38
CA CYS A 307 6.16 -31.04 -15.89
C CYS A 307 6.96 -29.87 -16.39
N ALA A 308 7.66 -29.21 -15.46
CA ALA A 308 8.46 -28.04 -15.79
C ALA A 308 9.84 -28.15 -15.18
N GLU A 309 10.82 -27.51 -15.84
CA GLU A 309 12.19 -27.51 -15.35
C GLU A 309 12.58 -26.06 -15.10
N SER A 310 13.20 -25.80 -13.95
CA SER A 310 13.59 -24.43 -13.63
C SER A 310 14.92 -24.33 -12.89
N THR A 311 15.50 -23.13 -12.93
CA THR A 311 16.76 -22.84 -12.24
C THR A 311 16.94 -21.33 -12.28
N ASN A 312 17.94 -20.82 -11.58
CA ASN A 312 18.20 -19.38 -11.57
C ASN A 312 19.39 -19.04 -12.47
N PHE A 313 19.52 -17.76 -12.80
CA PHE A 313 20.65 -17.31 -13.62
C PHE A 313 20.83 -15.82 -13.36
N ALA A 314 21.93 -15.24 -13.86
CA ALA A 314 22.18 -13.83 -13.64
C ALA A 314 22.78 -13.13 -14.84
N THR A 315 22.80 -11.80 -14.76
CA THR A 315 23.37 -10.93 -15.78
C THR A 315 24.09 -9.87 -14.95
N ARG A 316 24.82 -8.95 -15.60
CA ARG A 316 25.53 -7.91 -14.88
C ARG A 316 24.56 -7.02 -14.10
N ARG A 317 23.37 -6.80 -14.65
CA ARG A 317 22.37 -5.96 -13.98
C ARG A 317 21.94 -6.53 -12.63
N TRP A 318 21.93 -7.86 -12.51
CA TRP A 318 21.52 -8.48 -11.26
C TRP A 318 22.40 -8.15 -10.06
N ILE A 319 23.68 -7.93 -10.33
CA ILE A 319 24.64 -7.68 -9.25
C ILE A 319 24.19 -6.70 -8.19
N GLU A 320 23.62 -5.58 -8.61
CA GLU A 320 23.18 -4.59 -7.64
C GLU A 320 22.00 -5.13 -6.85
N TYR A 321 21.15 -5.92 -7.49
CA TYR A 321 20.01 -6.49 -6.78
C TYR A 321 20.51 -7.47 -5.73
N GLY A 322 21.45 -8.31 -6.10
CA GLY A 322 22.00 -9.27 -5.16
C GLY A 322 22.57 -8.59 -3.94
N LYS A 323 23.21 -7.45 -4.15
CA LYS A 323 23.83 -6.68 -3.06
C LYS A 323 22.79 -6.08 -2.12
N GLN A 324 21.63 -5.75 -2.67
CA GLN A 324 20.57 -5.13 -1.89
C GLN A 324 19.42 -6.05 -1.47
N ALA A 325 19.47 -7.32 -1.88
CA ALA A 325 18.39 -8.25 -1.54
C ALA A 325 18.12 -8.39 -0.05
N VAL A 326 16.86 -8.34 0.34
CA VAL A 326 16.49 -8.50 1.76
C VAL A 326 16.39 -10.02 1.98
N LEU A 327 17.18 -10.53 2.92
CA LEU A 327 17.19 -11.96 3.15
C LEU A 327 16.49 -12.45 4.40
N CYS A 328 16.15 -13.74 4.36
CA CYS A 328 15.52 -14.44 5.47
C CYS A 328 16.60 -15.10 6.32
N SER A 329 16.60 -14.82 7.62
CA SER A 329 17.59 -15.43 8.52
C SER A 329 16.90 -16.11 9.71
N CYS A 330 15.59 -16.27 9.64
CA CYS A 330 14.83 -16.90 10.71
C CYS A 330 14.80 -18.42 10.51
N ARG A 331 15.39 -18.87 9.40
CA ARG A 331 15.40 -20.30 9.08
C ARG A 331 16.76 -20.75 8.63
N LYS A 332 17.01 -22.05 8.76
CA LYS A 332 18.27 -22.64 8.34
C LYS A 332 18.09 -23.05 6.89
N ASP A 333 19.20 -23.34 6.22
CA ASP A 333 19.20 -23.79 4.83
C ASP A 333 18.70 -22.81 3.77
N MET A 334 18.33 -21.60 4.15
CA MET A 334 17.88 -20.63 3.17
C MET A 334 19.05 -20.33 2.22
N VAL A 335 18.74 -19.99 0.97
CA VAL A 335 19.79 -19.69 0.02
C VAL A 335 20.48 -18.36 0.29
N LYS A 336 21.79 -18.40 0.38
CA LYS A 336 22.57 -17.20 0.63
C LYS A 336 23.77 -17.26 -0.30
N ILE A 337 24.06 -16.14 -0.96
CA ILE A 337 25.18 -16.04 -1.88
C ILE A 337 26.01 -14.79 -1.57
N SER A 338 27.28 -14.99 -1.25
CA SER A 338 28.18 -13.88 -0.96
C SER A 338 28.33 -13.09 -2.25
N MET A 339 28.13 -11.78 -2.18
CA MET A 339 28.25 -10.94 -3.37
C MET A 339 29.67 -10.46 -3.59
N ASP A 340 30.56 -10.80 -2.68
CA ASP A 340 31.95 -10.35 -2.76
C ASP A 340 32.64 -10.64 -4.09
N VAL A 341 32.50 -11.86 -4.60
CA VAL A 341 33.13 -12.23 -5.84
C VAL A 341 32.63 -11.42 -7.05
N PHE A 342 31.36 -10.98 -6.99
CA PHE A 342 30.79 -10.22 -8.10
C PHE A 342 31.18 -8.76 -8.04
N VAL A 343 31.15 -8.18 -6.85
CA VAL A 343 31.52 -6.78 -6.69
C VAL A 343 33.00 -6.61 -7.05
N ARG A 344 33.82 -7.52 -6.56
CA ARG A 344 35.25 -7.48 -6.80
C ARG A 344 35.60 -7.55 -8.28
N LYS A 345 34.92 -8.44 -9.00
CA LYS A 345 35.19 -8.62 -10.41
C LYS A 345 34.52 -7.64 -11.37
N PHE A 346 33.26 -7.29 -11.11
CA PHE A 346 32.53 -6.40 -12.00
C PHE A 346 32.44 -4.94 -11.57
N GLN A 347 32.68 -4.67 -10.29
CA GLN A 347 32.64 -3.29 -9.78
C GLN A 347 33.89 -3.02 -8.93
N PRO A 348 35.08 -3.32 -9.47
CA PRO A 348 36.32 -3.10 -8.71
C PRO A 348 36.50 -1.67 -8.19
N GLU A 349 35.92 -0.70 -8.89
CA GLU A 349 36.08 0.68 -8.45
C GLU A 349 35.14 1.04 -7.30
N ARG A 350 34.18 0.15 -7.01
CA ARG A 350 33.23 0.38 -5.93
C ARG A 350 33.45 -0.62 -4.79
N TYR A 351 34.31 -1.60 -5.04
CA TYR A 351 34.59 -2.66 -4.06
C TYR A 351 35.04 -2.21 -2.68
N LYS A 352 35.98 -1.29 -2.62
CA LYS A 352 36.47 -0.85 -1.34
C LYS A 352 35.36 -0.17 -0.53
N LEU A 353 34.59 0.70 -1.19
CA LEU A 353 33.51 1.42 -0.54
C LEU A 353 32.45 0.44 -0.04
N TRP A 354 32.12 -0.51 -0.91
CA TRP A 354 31.12 -1.51 -0.58
C TRP A 354 31.51 -2.31 0.67
N LYS A 355 32.76 -2.78 0.74
CA LYS A 355 33.21 -3.55 1.90
C LYS A 355 33.10 -2.72 3.17
N ALA A 356 33.31 -1.41 3.02
CA ALA A 356 33.22 -0.49 4.15
C ALA A 356 31.75 -0.26 4.50
N GLY A 357 30.86 -0.75 3.64
CA GLY A 357 29.43 -0.58 3.88
C GLY A 357 28.95 0.82 3.56
N LYS A 358 29.60 1.45 2.58
CA LYS A 358 29.26 2.81 2.17
C LYS A 358 28.74 2.91 0.74
N ASP A 359 28.45 1.78 0.11
CA ASP A 359 27.94 1.80 -1.26
C ASP A 359 26.46 2.17 -1.19
N ASN A 360 26.12 3.35 -1.68
CA ASN A 360 24.72 3.79 -1.62
C ASN A 360 23.98 3.86 -2.95
N THR A 361 24.34 2.98 -3.88
CA THR A 361 23.71 2.95 -5.19
C THR A 361 22.18 2.77 -5.07
N VAL A 362 21.44 3.38 -5.99
CA VAL A 362 20.00 3.26 -6.00
C VAL A 362 19.63 2.55 -7.29
N ILE A 363 18.87 1.48 -7.17
CA ILE A 363 18.49 0.71 -8.34
C ILE A 363 17.34 1.34 -9.14
N ASP A 364 17.51 1.36 -10.45
CA ASP A 364 16.48 1.87 -11.36
C ASP A 364 15.98 0.65 -12.14
N HIS A 365 14.82 0.15 -11.72
CA HIS A 365 14.21 -1.04 -12.31
C HIS A 365 13.87 -0.96 -13.79
N THR A 366 13.84 0.24 -14.36
CA THR A 366 13.50 0.38 -15.78
C THR A 366 14.67 0.18 -16.73
N LEU A 367 15.88 0.41 -16.23
CA LEU A 367 17.09 0.27 -17.04
C LEU A 367 17.42 -1.15 -17.47
N PRO A 368 17.76 -1.34 -18.76
CA PRO A 368 18.10 -2.68 -19.25
C PRO A 368 19.53 -3.01 -18.77
N THR A 369 19.92 -4.27 -18.84
CA THR A 369 21.27 -4.64 -18.41
C THR A 369 22.30 -4.14 -19.42
N PRO A 370 23.49 -3.73 -18.93
CA PRO A 370 24.58 -3.24 -19.78
C PRO A 370 24.79 -4.02 -21.09
N GLU A 371 24.76 -5.34 -21.03
CA GLU A 371 24.96 -6.15 -22.23
C GLU A 371 23.96 -5.83 -23.34
N ALA A 372 22.98 -4.98 -23.03
CA ALA A 372 21.96 -4.62 -24.01
C ALA A 372 22.33 -3.39 -24.82
N ALA A 373 23.40 -2.71 -24.42
CA ALA A 373 23.85 -1.51 -25.12
C ALA A 373 23.98 -1.78 -26.61
N GLU A 374 24.41 -2.99 -26.94
CA GLU A 374 24.61 -3.44 -28.32
C GLU A 374 23.36 -3.27 -29.19
N PHE A 375 22.19 -3.53 -28.62
CA PHE A 375 20.93 -3.43 -29.37
C PHE A 375 20.20 -2.10 -29.24
N LEU A 376 20.81 -1.12 -28.57
CA LEU A 376 20.14 0.16 -28.38
C LEU A 376 20.64 1.31 -29.27
N LYS A 377 21.57 1.01 -30.18
CA LYS A 377 22.10 2.03 -31.08
C LYS A 377 21.63 1.77 -32.51
N SER B 25 -12.47 -5.20 27.32
CA SER B 25 -13.62 -4.90 26.43
C SER B 25 -13.32 -5.29 24.99
N GLU B 26 -14.37 -5.58 24.23
CA GLU B 26 -14.22 -5.93 22.83
C GLU B 26 -13.71 -4.70 22.08
N SER B 27 -14.02 -3.53 22.64
CA SER B 27 -13.61 -2.25 22.07
C SER B 27 -12.15 -1.89 22.37
N GLU B 28 -11.64 -2.33 23.51
CA GLU B 28 -10.26 -2.02 23.86
C GLU B 28 -9.32 -2.97 23.13
N THR B 29 -9.89 -4.03 22.58
CA THR B 29 -9.12 -5.03 21.86
C THR B 29 -8.99 -4.78 20.36
N LEU B 30 -9.88 -3.98 19.79
CA LEU B 30 -9.80 -3.65 18.36
C LEU B 30 -8.91 -2.43 18.19
N ASN B 31 -7.88 -2.56 17.37
CA ASN B 31 -6.91 -1.48 17.12
C ASN B 31 -6.37 -0.95 18.44
N PRO B 32 -5.77 -1.84 19.25
CA PRO B 32 -5.19 -1.50 20.56
C PRO B 32 -4.01 -0.54 20.48
N SER B 33 -3.34 -0.51 19.33
CA SER B 33 -2.20 0.39 19.13
C SER B 33 -2.70 1.78 18.74
N ALA B 34 -3.98 1.84 18.36
CA ALA B 34 -4.60 3.10 17.95
C ALA B 34 -3.87 3.74 16.79
N ARG B 35 -3.45 2.92 15.82
CA ARG B 35 -2.75 3.39 14.64
C ARG B 35 -3.75 3.80 13.58
N ILE B 36 -3.36 4.76 12.73
CA ILE B 36 -4.24 5.22 11.66
C ILE B 36 -4.51 4.05 10.71
N MET B 37 -5.79 3.76 10.49
CA MET B 37 -6.18 2.67 9.62
C MET B 37 -6.64 3.19 8.27
N THR B 38 -6.51 2.35 7.25
CA THR B 38 -6.91 2.70 5.89
C THR B 38 -7.90 1.66 5.36
N PHE B 39 -8.98 2.12 4.74
CA PHE B 39 -10.01 1.24 4.21
C PHE B 39 -10.25 1.40 2.71
N TYR B 40 -10.61 0.30 2.07
CA TYR B 40 -10.89 0.27 0.64
C TYR B 40 -12.26 -0.37 0.42
N PRO B 41 -13.33 0.43 0.56
CA PRO B 41 -14.70 -0.06 0.40
C PRO B 41 -15.09 -0.33 -1.06
N THR B 42 -15.98 -1.29 -1.24
CA THR B 42 -16.49 -1.63 -2.55
C THR B 42 -17.55 -0.57 -2.80
N MET B 43 -17.99 -0.42 -4.05
CA MET B 43 -19.00 0.57 -4.36
C MET B 43 -20.26 0.32 -3.55
N GLU B 44 -20.48 -0.93 -3.18
CA GLU B 44 -21.66 -1.31 -2.39
C GLU B 44 -21.52 -0.81 -0.96
N GLU B 45 -20.34 -1.02 -0.38
CA GLU B 45 -20.08 -0.58 0.99
C GLU B 45 -20.06 0.94 1.03
N PHE B 46 -19.43 1.53 0.01
CA PHE B 46 -19.27 2.97 -0.12
C PHE B 46 -20.58 3.76 -0.15
N ARG B 47 -21.62 3.20 -0.77
CA ARG B 47 -22.91 3.87 -0.89
C ARG B 47 -23.51 4.55 0.35
N ASN B 48 -23.59 3.84 1.47
CA ASN B 48 -24.16 4.43 2.68
C ASN B 48 -23.06 5.01 3.58
N PHE B 49 -22.89 6.32 3.52
CA PHE B 49 -21.86 7.02 4.30
C PHE B 49 -21.91 6.71 5.79
N SER B 50 -22.97 7.17 6.45
CA SER B 50 -23.14 6.98 7.88
C SER B 50 -22.95 5.53 8.29
N ARG B 51 -23.35 4.61 7.42
CA ARG B 51 -23.22 3.19 7.72
C ARG B 51 -21.76 2.73 7.65
N TYR B 52 -21.00 3.28 6.71
CA TYR B 52 -19.61 2.89 6.59
C TYR B 52 -18.79 3.47 7.75
N ILE B 53 -19.22 4.62 8.26
CA ILE B 53 -18.52 5.23 9.38
C ILE B 53 -18.69 4.31 10.58
N ALA B 54 -19.89 3.77 10.74
CA ALA B 54 -20.18 2.86 11.84
C ALA B 54 -19.31 1.61 11.69
N TYR B 55 -19.15 1.15 10.46
CA TYR B 55 -18.33 -0.03 10.20
C TYR B 55 -16.88 0.16 10.61
N ILE B 56 -16.23 1.20 10.09
CA ILE B 56 -14.83 1.44 10.41
C ILE B 56 -14.63 1.60 11.90
N GLU B 57 -15.64 2.13 12.59
CA GLU B 57 -15.53 2.28 14.04
C GLU B 57 -15.62 0.90 14.69
N SER B 58 -16.38 -0.03 14.09
CA SER B 58 -16.49 -1.37 14.68
C SER B 58 -15.12 -2.02 14.53
N GLN B 59 -14.30 -1.48 13.64
CA GLN B 59 -12.96 -2.00 13.41
C GLN B 59 -11.94 -1.25 14.27
N GLY B 60 -12.39 -0.28 15.05
CA GLY B 60 -11.49 0.47 15.93
C GLY B 60 -10.77 1.67 15.33
N ALA B 61 -11.07 1.98 14.07
CA ALA B 61 -10.46 3.10 13.38
C ALA B 61 -10.46 4.41 14.19
N HIS B 62 -11.56 4.70 14.87
CA HIS B 62 -11.67 5.93 15.65
C HIS B 62 -10.61 6.10 16.73
N ARG B 63 -10.01 5.01 17.19
CA ARG B 63 -9.02 5.13 18.26
C ARG B 63 -7.81 5.96 17.89
N ALA B 64 -7.51 6.04 16.60
CA ALA B 64 -6.38 6.81 16.11
C ALA B 64 -6.76 8.29 15.99
N GLY B 65 -8.06 8.55 15.88
CA GLY B 65 -8.56 9.91 15.74
C GLY B 65 -8.58 10.37 14.29
N LEU B 66 -8.02 9.56 13.40
CA LEU B 66 -7.94 9.87 11.98
C LEU B 66 -7.93 8.57 11.19
N ALA B 67 -8.62 8.54 10.06
CA ALA B 67 -8.66 7.36 9.21
C ALA B 67 -8.69 7.73 7.74
N LYS B 68 -8.08 6.90 6.91
CA LYS B 68 -8.09 7.16 5.48
C LYS B 68 -9.05 6.22 4.80
N VAL B 69 -9.77 6.73 3.82
CA VAL B 69 -10.72 5.91 3.07
C VAL B 69 -10.53 6.12 1.59
N VAL B 70 -10.02 5.11 0.91
CA VAL B 70 -9.82 5.18 -0.53
C VAL B 70 -11.11 4.71 -1.17
N PRO B 71 -11.78 5.59 -1.95
CA PRO B 71 -13.04 5.24 -2.60
C PRO B 71 -12.81 4.27 -3.74
N PRO B 72 -13.83 3.48 -4.10
CA PRO B 72 -13.65 2.53 -5.20
C PRO B 72 -13.36 3.29 -6.50
N LYS B 73 -12.52 2.70 -7.34
CA LYS B 73 -12.13 3.29 -8.61
C LYS B 73 -13.25 3.85 -9.50
N GLU B 74 -14.40 3.19 -9.52
CA GLU B 74 -15.49 3.67 -10.36
C GLU B 74 -16.15 4.96 -9.85
N TRP B 75 -15.64 5.49 -8.75
CA TRP B 75 -16.23 6.69 -8.17
C TRP B 75 -15.50 7.98 -8.55
N LYS B 76 -16.27 9.04 -8.77
CA LYS B 76 -15.73 10.34 -9.13
C LYS B 76 -16.76 11.42 -8.80
N PRO B 77 -16.37 12.45 -8.02
CA PRO B 77 -17.26 13.54 -7.64
C PRO B 77 -17.40 14.64 -8.69
N ARG B 78 -16.52 14.59 -9.69
CA ARG B 78 -16.55 15.59 -10.75
C ARG B 78 -15.85 15.06 -12.00
N ALA B 79 -16.42 15.33 -13.16
CA ALA B 79 -15.87 14.87 -14.43
C ALA B 79 -14.48 15.48 -14.67
N SER B 80 -14.39 16.80 -14.61
CA SER B 80 -13.12 17.47 -14.83
C SER B 80 -12.97 18.72 -13.98
N TYR B 81 -11.73 19.09 -13.69
CA TYR B 81 -11.46 20.29 -12.89
C TYR B 81 -10.82 21.38 -13.75
N ASP B 82 -11.09 21.35 -15.06
CA ASP B 82 -10.50 22.35 -15.96
C ASP B 82 -11.34 23.61 -16.07
N ASP B 83 -12.46 23.66 -15.35
CA ASP B 83 -13.34 24.81 -15.44
C ASP B 83 -13.45 25.67 -14.19
N ILE B 84 -12.44 25.67 -13.33
CA ILE B 84 -12.53 26.47 -12.10
C ILE B 84 -11.55 27.62 -11.96
N ASP B 85 -10.75 27.87 -13.00
CA ASP B 85 -9.76 28.95 -12.96
C ASP B 85 -10.33 30.31 -12.58
N ASP B 86 -11.62 30.54 -12.85
CA ASP B 86 -12.24 31.83 -12.54
C ASP B 86 -12.87 31.85 -11.14
N LEU B 87 -12.88 30.70 -10.47
CA LEU B 87 -13.45 30.61 -9.13
C LEU B 87 -12.72 31.59 -8.20
N VAL B 88 -13.47 32.42 -7.51
CA VAL B 88 -12.89 33.41 -6.61
C VAL B 88 -12.59 32.95 -5.19
N ILE B 89 -11.41 33.32 -4.70
CA ILE B 89 -10.96 33.04 -3.34
C ILE B 89 -11.06 34.43 -2.70
N PRO B 90 -12.18 34.71 -2.03
CA PRO B 90 -12.47 35.98 -1.37
C PRO B 90 -11.47 36.45 -0.32
N ALA B 91 -10.79 35.53 0.33
CA ALA B 91 -9.87 35.93 1.37
C ALA B 91 -8.66 35.06 1.57
N PRO B 92 -7.74 35.03 0.59
CA PRO B 92 -6.57 34.18 0.78
C PRO B 92 -5.78 34.71 1.99
N ILE B 93 -5.08 33.84 2.69
CA ILE B 93 -4.32 34.27 3.86
C ILE B 93 -2.86 33.94 3.75
N GLN B 94 -1.99 34.89 4.09
CA GLN B 94 -0.56 34.65 4.05
C GLN B 94 -0.20 34.13 5.45
N GLN B 95 0.46 32.99 5.52
CA GLN B 95 0.77 32.39 6.80
C GLN B 95 2.11 32.71 7.41
N LEU B 96 2.14 33.76 8.23
CA LEU B 96 3.36 34.16 8.92
C LEU B 96 3.51 33.27 10.16
N VAL B 97 4.67 32.66 10.33
CA VAL B 97 4.92 31.79 11.47
C VAL B 97 6.11 32.24 12.27
N THR B 98 5.94 32.27 13.59
CA THR B 98 6.99 32.68 14.50
C THR B 98 7.19 31.60 15.55
N GLY B 99 8.45 31.29 15.86
CA GLY B 99 8.73 30.27 16.85
C GLY B 99 10.08 29.61 16.66
N GLN B 100 10.35 28.60 17.48
CA GLN B 100 11.62 27.90 17.41
C GLN B 100 11.51 26.63 18.26
N SER B 101 12.53 25.78 18.19
CA SER B 101 12.57 24.54 18.97
C SER B 101 11.27 23.75 18.88
N GLY B 102 10.75 23.60 17.66
CA GLY B 102 9.54 22.84 17.46
C GLY B 102 8.20 23.40 17.89
N LEU B 103 8.20 24.61 18.46
CA LEU B 103 6.97 25.28 18.93
C LEU B 103 6.80 26.59 18.15
N PHE B 104 5.63 26.76 17.51
CA PHE B 104 5.35 27.93 16.71
C PHE B 104 3.92 28.44 16.85
N THR B 105 3.74 29.71 16.50
CA THR B 105 2.43 30.36 16.50
C THR B 105 2.26 30.94 15.10
N GLN B 106 1.13 30.64 14.48
CA GLN B 106 0.86 31.10 13.13
C GLN B 106 -0.16 32.22 13.06
N TYR B 107 0.23 33.30 12.37
CA TYR B 107 -0.65 34.44 12.19
C TYR B 107 -1.10 34.48 10.75
N ASN B 108 -2.40 34.34 10.53
CA ASN B 108 -2.95 34.34 9.18
C ASN B 108 -3.38 35.74 8.74
N ILE B 109 -2.61 36.34 7.84
CA ILE B 109 -2.87 37.69 7.32
C ILE B 109 -3.71 37.67 6.06
N GLN B 110 -4.86 38.32 6.10
CA GLN B 110 -5.75 38.34 4.95
C GLN B 110 -5.23 39.19 3.81
N LYS B 111 -5.23 38.61 2.61
CA LYS B 111 -4.78 39.29 1.42
C LYS B 111 -6.00 39.61 0.56
N LYS B 112 -5.82 40.40 -0.49
CA LYS B 112 -6.92 40.75 -1.38
C LYS B 112 -7.42 39.51 -2.13
N ALA B 113 -8.68 39.52 -2.52
CA ALA B 113 -9.26 38.39 -3.24
C ALA B 113 -8.48 38.06 -4.49
N MET B 114 -8.51 36.80 -4.91
CA MET B 114 -7.82 36.38 -6.11
C MET B 114 -8.50 35.13 -6.66
N THR B 115 -8.26 34.82 -7.92
CA THR B 115 -8.88 33.65 -8.55
C THR B 115 -7.98 32.43 -8.46
N VAL B 116 -8.54 31.26 -8.71
CA VAL B 116 -7.77 30.02 -8.67
C VAL B 116 -6.61 30.06 -9.66
N ARG B 117 -6.82 30.68 -10.80
CA ARG B 117 -5.75 30.76 -11.78
C ARG B 117 -4.59 31.54 -11.18
N GLU B 118 -4.89 32.68 -10.58
CA GLU B 118 -3.85 33.51 -9.98
C GLU B 118 -3.17 32.80 -8.82
N PHE B 119 -3.95 32.04 -8.05
CA PHE B 119 -3.42 31.31 -6.90
C PHE B 119 -2.43 30.27 -7.38
N ARG B 120 -2.85 29.48 -8.36
CA ARG B 120 -2.01 28.42 -8.91
C ARG B 120 -0.72 28.97 -9.50
N LYS B 121 -0.82 30.11 -10.19
CA LYS B 121 0.38 30.71 -10.80
C LYS B 121 1.42 30.93 -9.73
N ILE B 122 1.02 31.58 -8.64
CA ILE B 122 1.92 31.87 -7.54
C ILE B 122 2.43 30.59 -6.86
N ALA B 123 1.52 29.66 -6.61
CA ALA B 123 1.88 28.39 -5.96
C ALA B 123 2.94 27.62 -6.74
N ASN B 124 2.86 27.67 -8.06
CA ASN B 124 3.82 26.95 -8.89
C ASN B 124 5.08 27.73 -9.25
N SER B 125 5.09 29.04 -8.97
CA SER B 125 6.24 29.87 -9.29
C SER B 125 7.46 29.41 -8.51
N ASP B 126 8.65 29.70 -9.03
CA ASP B 126 9.91 29.29 -8.39
C ASP B 126 9.96 29.70 -6.93
N LYS B 127 9.36 30.84 -6.63
CA LYS B 127 9.36 31.36 -5.29
C LYS B 127 8.61 30.50 -4.26
N TYR B 128 7.42 30.02 -4.61
CA TYR B 128 6.63 29.22 -3.68
C TYR B 128 6.49 27.73 -3.96
N CYS B 129 7.03 27.25 -5.08
CA CYS B 129 6.88 25.84 -5.42
C CYS B 129 7.58 24.84 -4.48
N THR B 130 7.17 23.58 -4.59
CA THR B 130 7.70 22.51 -3.77
C THR B 130 9.20 22.30 -3.99
N PRO B 131 9.97 22.17 -2.89
CA PRO B 131 11.40 21.95 -3.06
C PRO B 131 11.62 20.52 -3.52
N ARG B 132 12.79 20.25 -4.08
CA ARG B 132 13.07 18.89 -4.56
C ARG B 132 13.45 18.02 -3.36
N TYR B 133 13.14 16.73 -3.42
CA TYR B 133 13.45 15.86 -2.29
C TYR B 133 13.43 14.37 -2.66
N SER B 134 14.08 13.55 -1.83
CA SER B 134 14.15 12.11 -2.07
C SER B 134 12.94 11.30 -1.60
N GLU B 135 12.75 11.21 -0.29
CA GLU B 135 11.62 10.47 0.26
C GLU B 135 10.82 11.43 1.17
N PHE B 136 9.60 11.04 1.54
CA PHE B 136 8.77 11.89 2.38
C PHE B 136 9.49 12.48 3.59
N GLU B 137 10.25 11.67 4.31
CA GLU B 137 10.95 12.15 5.49
C GLU B 137 11.77 13.39 5.18
N GLU B 138 12.30 13.47 3.97
CA GLU B 138 13.11 14.62 3.58
C GLU B 138 12.25 15.87 3.45
N LEU B 139 11.12 15.74 2.76
CA LEU B 139 10.22 16.88 2.57
C LEU B 139 9.72 17.32 3.95
N GLU B 140 9.46 16.36 4.83
CA GLU B 140 8.97 16.63 6.17
C GLU B 140 9.97 17.47 6.94
N ARG B 141 11.25 17.08 6.91
CA ARG B 141 12.31 17.81 7.60
C ARG B 141 12.41 19.24 7.04
N LYS B 142 12.27 19.38 5.72
CA LYS B 142 12.34 20.70 5.07
C LYS B 142 11.17 21.55 5.51
N TYR B 143 10.02 20.93 5.74
CA TYR B 143 8.84 21.68 6.19
C TYR B 143 9.12 22.29 7.56
N TRP B 144 9.53 21.45 8.52
CA TRP B 144 9.79 21.91 9.87
C TRP B 144 11.02 22.81 9.99
N LYS B 145 11.90 22.75 9.00
CA LYS B 145 13.10 23.58 8.98
C LYS B 145 12.81 24.97 8.38
N ASN B 146 11.90 25.02 7.42
CA ASN B 146 11.58 26.28 6.73
C ASN B 146 10.19 26.88 6.94
N LEU B 147 9.40 26.36 7.88
CA LEU B 147 8.05 26.89 8.04
C LEU B 147 7.95 28.36 8.45
N THR B 148 8.98 28.94 9.04
CA THR B 148 8.90 30.35 9.42
C THR B 148 9.44 31.28 8.33
N PHE B 149 9.90 30.71 7.21
CA PHE B 149 10.48 31.49 6.12
C PHE B 149 9.56 31.57 4.92
N ASN B 150 9.66 32.68 4.18
CA ASN B 150 8.88 32.90 2.97
C ASN B 150 7.42 32.47 3.18
N PRO B 151 6.68 33.20 4.03
CA PRO B 151 5.28 32.90 4.33
C PRO B 151 4.44 32.66 3.08
N PRO B 152 3.86 31.45 2.96
CA PRO B 152 3.02 31.06 1.83
C PRO B 152 1.61 31.62 1.91
N ILE B 153 0.85 31.43 0.83
CA ILE B 153 -0.53 31.89 0.75
C ILE B 153 -1.44 30.67 0.74
N TYR B 154 -2.47 30.68 1.59
CA TYR B 154 -3.39 29.55 1.68
C TYR B 154 -4.81 29.98 1.32
N GLY B 155 -5.39 29.36 0.31
CA GLY B 155 -6.74 29.68 -0.11
C GLY B 155 -7.66 28.82 0.73
N ALA B 156 -7.63 29.06 2.03
CA ALA B 156 -8.39 28.30 3.01
C ALA B 156 -9.80 28.78 3.32
N ASP B 157 -10.59 27.85 3.84
CA ASP B 157 -11.96 28.15 4.26
C ASP B 157 -12.80 28.88 3.22
N VAL B 158 -12.82 28.37 1.99
CA VAL B 158 -13.60 28.99 0.93
C VAL B 158 -14.97 28.34 0.83
N ASN B 159 -16.02 29.16 0.85
CA ASN B 159 -17.37 28.61 0.77
C ASN B 159 -17.58 27.96 -0.60
N GLY B 160 -18.07 26.72 -0.59
CA GLY B 160 -18.31 26.05 -1.85
C GLY B 160 -18.01 24.57 -1.87
N THR B 161 -18.36 23.94 -3.00
CA THR B 161 -18.14 22.52 -3.21
C THR B 161 -17.73 22.29 -4.67
N LEU B 162 -17.03 21.19 -4.92
CA LEU B 162 -16.61 20.86 -6.27
C LEU B 162 -17.30 19.59 -6.76
N TYR B 163 -18.21 19.08 -5.94
CA TYR B 163 -18.97 17.88 -6.31
C TYR B 163 -20.04 18.26 -7.32
N GLU B 164 -20.24 17.43 -8.33
CA GLU B 164 -21.29 17.71 -9.29
C GLU B 164 -22.58 17.29 -8.56
N LYS B 165 -23.68 17.98 -8.83
CA LYS B 165 -24.96 17.76 -8.16
C LYS B 165 -25.59 16.35 -8.16
N HIS B 166 -25.08 15.43 -8.96
CA HIS B 166 -25.68 14.11 -9.03
C HIS B 166 -24.95 13.01 -8.25
N VAL B 167 -23.82 13.36 -7.66
CA VAL B 167 -23.05 12.39 -6.87
C VAL B 167 -23.79 12.08 -5.56
N ASP B 168 -24.22 10.84 -5.39
CA ASP B 168 -24.96 10.47 -4.20
C ASP B 168 -24.15 9.72 -3.15
N GLU B 169 -22.91 9.37 -3.48
CA GLU B 169 -22.08 8.67 -2.52
C GLU B 169 -21.04 9.62 -1.92
N TRP B 170 -21.00 9.70 -0.59
CA TRP B 170 -20.04 10.56 0.09
C TRP B 170 -19.99 11.97 -0.46
N ASN B 171 -21.16 12.58 -0.59
CA ASN B 171 -21.26 13.94 -1.10
C ASN B 171 -21.16 14.88 0.10
N ILE B 172 -20.00 15.52 0.24
CA ILE B 172 -19.75 16.42 1.35
C ILE B 172 -20.85 17.47 1.51
N GLY B 173 -21.58 17.73 0.44
CA GLY B 173 -22.65 18.72 0.51
C GLY B 173 -23.91 18.16 1.14
N ARG B 174 -24.04 16.84 1.17
CA ARG B 174 -25.21 16.19 1.76
C ARG B 174 -24.89 14.77 2.21
N LEU B 175 -24.28 14.66 3.39
CA LEU B 175 -23.90 13.38 3.96
C LEU B 175 -25.06 12.70 4.67
N ARG B 176 -26.07 13.48 5.03
CA ARG B 176 -27.25 12.96 5.71
C ARG B 176 -26.96 12.30 7.06
N THR B 177 -26.24 12.99 7.95
CA THR B 177 -25.96 12.46 9.29
C THR B 177 -26.84 13.23 10.27
N ILE B 178 -26.86 12.83 11.54
CA ILE B 178 -27.69 13.54 12.51
C ILE B 178 -27.26 15.00 12.73
N LEU B 179 -26.11 15.40 12.21
CA LEU B 179 -25.72 16.81 12.37
C LEU B 179 -26.75 17.69 11.68
N ASP B 180 -27.48 17.12 10.73
CA ASP B 180 -28.52 17.84 9.98
C ASP B 180 -29.64 18.32 10.88
N LEU B 181 -29.70 17.81 12.10
CA LEU B 181 -30.73 18.22 13.06
C LEU B 181 -30.59 19.69 13.47
N VAL B 182 -29.39 20.24 13.33
CA VAL B 182 -29.17 21.63 13.73
C VAL B 182 -29.93 22.59 12.80
N GLU B 183 -29.71 22.45 11.50
CA GLU B 183 -30.38 23.30 10.52
C GLU B 183 -31.86 22.94 10.41
N LYS B 184 -32.17 21.66 10.59
CA LYS B 184 -33.55 21.20 10.49
C LYS B 184 -34.42 21.78 11.60
N GLU B 185 -33.88 21.81 12.81
CA GLU B 185 -34.62 22.32 13.97
C GLU B 185 -34.57 23.83 14.18
N SER B 186 -33.50 24.47 13.76
CA SER B 186 -33.37 25.91 13.97
C SER B 186 -33.18 26.71 12.70
N GLY B 187 -32.87 26.05 11.59
CA GLY B 187 -32.65 26.76 10.35
C GLY B 187 -31.27 27.40 10.31
N ILE B 188 -30.55 27.27 11.42
CA ILE B 188 -29.22 27.84 11.53
C ILE B 188 -28.14 27.15 10.70
N THR B 189 -27.37 27.97 10.00
CA THR B 189 -26.29 27.50 9.15
C THR B 189 -24.97 27.95 9.77
N ILE B 190 -24.00 27.04 9.84
CA ILE B 190 -22.67 27.34 10.38
C ILE B 190 -21.71 26.96 9.26
N GLU B 191 -21.28 27.95 8.49
CA GLU B 191 -20.41 27.72 7.36
C GLU B 191 -19.17 26.93 7.72
N GLY B 192 -18.88 25.92 6.91
CA GLY B 192 -17.73 25.06 7.13
C GLY B 192 -18.04 23.90 8.07
N VAL B 193 -19.10 24.03 8.86
CA VAL B 193 -19.49 22.99 9.82
C VAL B 193 -20.65 22.17 9.27
N ASN B 194 -21.74 22.82 8.88
CA ASN B 194 -22.83 22.09 8.24
C ASN B 194 -22.97 22.50 6.78
N THR B 195 -21.91 23.10 6.23
CA THR B 195 -21.82 23.50 4.82
C THR B 195 -20.37 23.21 4.44
N PRO B 196 -20.09 22.96 3.15
CA PRO B 196 -18.72 22.66 2.74
C PRO B 196 -17.74 23.83 2.57
N TYR B 197 -16.47 23.54 2.79
CA TYR B 197 -15.37 24.51 2.65
C TYR B 197 -14.34 23.93 1.68
N LEU B 198 -13.76 24.81 0.87
CA LEU B 198 -12.74 24.39 -0.07
C LEU B 198 -11.41 24.95 0.42
N TYR B 199 -10.34 24.20 0.19
CA TYR B 199 -9.01 24.64 0.62
C TYR B 199 -7.98 24.50 -0.50
N PHE B 200 -7.54 25.62 -1.06
CA PHE B 200 -6.54 25.63 -2.12
C PHE B 200 -5.20 25.85 -1.45
N GLY B 201 -4.35 24.84 -1.51
CA GLY B 201 -3.06 24.97 -0.87
C GLY B 201 -1.87 25.03 -1.80
N MET B 202 -0.72 25.37 -1.23
CA MET B 202 0.52 25.42 -1.97
C MET B 202 1.52 24.89 -0.94
N TRP B 203 2.76 24.65 -1.37
CA TRP B 203 3.80 24.15 -0.49
C TRP B 203 3.96 24.91 0.83
N LYS B 204 4.13 24.15 1.90
CA LYS B 204 4.35 24.72 3.22
C LYS B 204 3.16 25.42 3.87
N THR B 205 1.98 25.36 3.26
CA THR B 205 0.81 25.96 3.91
C THR B 205 0.38 24.91 4.94
N SER B 206 -0.19 25.32 6.07
CA SER B 206 -0.54 24.33 7.05
C SER B 206 -1.71 24.59 7.97
N PHE B 207 -2.16 23.54 8.65
CA PHE B 207 -3.26 23.68 9.57
C PHE B 207 -2.73 23.28 10.94
N ALA B 208 -2.97 24.17 11.90
CA ALA B 208 -2.53 24.02 13.28
C ALA B 208 -3.23 22.89 14.02
N TRP B 209 -2.70 22.53 15.18
CA TRP B 209 -3.29 21.49 16.02
C TRP B 209 -4.67 21.89 16.52
N HIS B 210 -5.63 20.99 16.38
CA HIS B 210 -7.00 21.23 16.83
C HIS B 210 -7.89 20.00 16.70
N THR B 211 -9.04 20.06 17.36
CA THR B 211 -10.06 19.04 17.23
C THR B 211 -11.12 19.88 16.52
N GLU B 212 -12.17 19.26 15.98
CA GLU B 212 -13.21 20.01 15.27
C GLU B 212 -14.05 20.84 16.24
N ASP B 213 -14.78 21.81 15.70
CA ASP B 213 -15.65 22.61 16.55
C ASP B 213 -16.65 21.65 17.20
N MET B 214 -16.95 21.89 18.48
CA MET B 214 -17.89 21.05 19.24
C MET B 214 -17.43 19.60 19.23
N ASP B 215 -16.15 19.40 18.96
CA ASP B 215 -15.54 18.06 18.89
C ASP B 215 -16.25 17.09 17.96
N LEU B 216 -16.74 17.62 16.85
CA LEU B 216 -17.43 16.80 15.84
C LEU B 216 -16.44 16.00 14.99
N TYR B 217 -17.01 15.20 14.09
CA TYR B 217 -16.23 14.43 13.13
C TYR B 217 -16.00 15.39 11.97
N SER B 218 -15.02 15.08 11.14
CA SER B 218 -14.82 15.88 9.94
C SER B 218 -14.51 14.92 8.80
N ILE B 219 -14.88 15.33 7.59
CA ILE B 219 -14.58 14.55 6.40
C ILE B 219 -13.75 15.47 5.51
N ASN B 220 -12.69 14.94 4.89
CA ASN B 220 -11.80 15.74 4.03
C ASN B 220 -11.47 14.96 2.76
N TYR B 221 -11.76 15.57 1.62
CA TYR B 221 -11.52 14.96 0.34
C TYR B 221 -10.53 15.78 -0.46
N LEU B 222 -9.45 15.16 -0.90
CA LEU B 222 -8.44 15.85 -1.69
C LEU B 222 -8.80 15.70 -3.17
N HIS B 223 -9.48 16.70 -3.72
CA HIS B 223 -9.89 16.71 -5.12
C HIS B 223 -8.76 16.48 -6.10
N PHE B 224 -7.73 17.33 -6.04
CA PHE B 224 -6.61 17.19 -6.98
C PHE B 224 -5.32 17.85 -6.47
N GLY B 225 -4.22 17.61 -7.17
CA GLY B 225 -2.96 18.23 -6.79
C GLY B 225 -2.03 17.41 -5.93
N GLU B 226 -1.03 18.09 -5.38
CA GLU B 226 -0.03 17.46 -4.53
C GLU B 226 -0.63 17.00 -3.19
N PRO B 227 0.06 16.08 -2.50
CA PRO B 227 -0.35 15.52 -1.21
C PRO B 227 -0.57 16.49 -0.05
N LYS B 228 -1.25 15.99 0.96
CA LYS B 228 -1.51 16.73 2.18
C LYS B 228 -1.12 15.74 3.27
N SER B 229 -0.18 16.11 4.14
CA SER B 229 0.26 15.22 5.21
C SER B 229 -0.39 15.60 6.53
N TRP B 230 -0.69 14.56 7.32
CA TRP B 230 -1.36 14.70 8.60
C TRP B 230 -0.65 14.11 9.79
N TYR B 231 -0.92 14.69 10.96
CA TYR B 231 -0.40 14.19 12.23
C TYR B 231 -1.68 14.05 13.04
N SER B 232 -1.73 13.04 13.91
CA SER B 232 -2.91 12.83 14.73
C SER B 232 -2.57 12.22 16.08
N VAL B 233 -3.30 12.66 17.09
CA VAL B 233 -3.15 12.15 18.45
C VAL B 233 -4.44 11.43 18.80
N PRO B 234 -4.32 10.19 19.29
CA PRO B 234 -5.50 9.39 19.67
C PRO B 234 -6.37 10.16 20.67
N PRO B 235 -7.70 10.16 20.47
CA PRO B 235 -8.59 10.85 21.41
C PRO B 235 -8.32 10.45 22.85
N GLU B 236 -8.05 9.16 23.07
CA GLU B 236 -7.79 8.68 24.41
C GLU B 236 -6.53 9.29 25.04
N HIS B 237 -5.76 10.03 24.24
CA HIS B 237 -4.56 10.69 24.75
C HIS B 237 -4.61 12.19 24.46
N GLY B 238 -5.78 12.68 24.05
CA GLY B 238 -5.91 14.09 23.75
C GLY B 238 -5.59 15.04 24.89
N LYS B 239 -6.09 14.73 26.08
CA LYS B 239 -5.83 15.58 27.25
C LYS B 239 -4.34 15.75 27.51
N ARG B 240 -3.56 14.76 27.11
CA ARG B 240 -2.13 14.80 27.32
C ARG B 240 -1.50 15.88 26.42
N LEU B 241 -1.97 15.96 25.17
CA LEU B 241 -1.48 16.96 24.24
C LEU B 241 -1.88 18.36 24.75
N GLU B 242 -3.11 18.47 25.28
CA GLU B 242 -3.59 19.75 25.81
C GLU B 242 -2.72 20.22 26.98
N ARG B 243 -2.44 19.31 27.91
CA ARG B 243 -1.64 19.67 29.07
C ARG B 243 -0.25 20.12 28.62
N LEU B 244 0.30 19.42 27.64
CA LEU B 244 1.61 19.75 27.11
C LEU B 244 1.58 21.14 26.49
N ALA B 245 0.53 21.37 25.68
CA ALA B 245 0.36 22.63 24.99
C ALA B 245 0.23 23.80 25.96
N LYS B 246 -0.49 23.60 27.06
CA LYS B 246 -0.65 24.68 28.02
C LYS B 246 0.68 25.03 28.67
N GLY B 247 1.50 24.01 28.90
CA GLY B 247 2.79 24.25 29.49
C GLY B 247 3.68 25.00 28.52
N PHE B 248 3.51 24.75 27.23
CA PHE B 248 4.31 25.43 26.22
C PHE B 248 3.83 26.84 25.92
N PHE B 249 2.53 27.09 26.12
CA PHE B 249 1.98 28.42 25.86
C PHE B 249 1.10 28.81 27.05
N PRO B 250 1.73 29.09 28.23
CA PRO B 250 1.06 29.48 29.47
C PRO B 250 0.12 30.67 29.42
N GLY B 251 0.54 31.75 28.78
CA GLY B 251 -0.29 32.93 28.68
C GLY B 251 -1.51 32.70 27.80
N SER B 252 -1.32 31.94 26.72
CA SER B 252 -2.44 31.65 25.83
C SER B 252 -3.47 30.84 26.59
N ALA B 253 -2.99 29.91 27.40
CA ALA B 253 -3.87 29.05 28.18
C ALA B 253 -4.59 29.85 29.26
N GLN B 254 -3.88 30.84 29.81
CA GLN B 254 -4.45 31.68 30.87
C GLN B 254 -5.60 32.52 30.34
N SER B 255 -5.46 33.03 29.13
CA SER B 255 -6.48 33.87 28.51
C SER B 255 -7.63 33.04 27.95
N CYS B 256 -7.34 31.82 27.54
CA CYS B 256 -8.39 30.96 27.00
C CYS B 256 -8.06 29.49 27.18
N GLU B 257 -8.93 28.80 27.90
CA GLU B 257 -8.77 27.37 28.16
C GLU B 257 -8.60 26.61 26.84
N ALA B 258 -9.47 26.92 25.88
CA ALA B 258 -9.44 26.27 24.58
C ALA B 258 -8.69 27.07 23.52
N PHE B 259 -7.53 27.61 23.89
CA PHE B 259 -6.77 28.41 22.93
C PHE B 259 -6.38 27.62 21.68
N LEU B 260 -6.30 26.29 21.78
CA LEU B 260 -5.96 25.50 20.58
C LEU B 260 -7.02 25.71 19.49
N ARG B 261 -8.26 26.03 19.88
CA ARG B 261 -9.32 26.25 18.89
C ARG B 261 -9.07 27.50 18.04
N HIS B 262 -8.10 28.33 18.42
CA HIS B 262 -7.79 29.54 17.64
C HIS B 262 -7.09 29.08 16.38
N LYS B 263 -6.64 27.83 16.40
CA LYS B 263 -5.95 27.23 15.28
C LYS B 263 -4.69 28.01 14.83
N MET B 264 -3.86 28.38 15.81
CA MET B 264 -2.62 29.11 15.56
C MET B 264 -1.40 28.37 16.09
N THR B 265 -1.63 27.24 16.75
CA THR B 265 -0.52 26.52 17.37
C THR B 265 0.03 25.33 16.59
N LEU B 266 1.31 25.42 16.27
CA LEU B 266 1.97 24.36 15.53
C LEU B 266 2.98 23.73 16.48
N ILE B 267 3.07 22.40 16.45
CA ILE B 267 4.00 21.65 17.30
C ILE B 267 4.55 20.51 16.45
N SER B 268 5.88 20.43 16.35
CA SER B 268 6.51 19.39 15.55
C SER B 268 6.44 18.02 16.19
N PRO B 269 6.46 16.98 15.35
CA PRO B 269 6.39 15.62 15.89
C PRO B 269 7.56 15.29 16.81
N LEU B 270 8.70 15.95 16.61
CA LEU B 270 9.84 15.69 17.47
C LEU B 270 9.55 16.13 18.89
N MET B 271 8.85 17.26 19.03
CA MET B 271 8.50 17.74 20.36
C MET B 271 7.50 16.81 20.99
N LEU B 272 6.59 16.27 20.19
CA LEU B 272 5.60 15.34 20.73
C LEU B 272 6.33 14.11 21.25
N LYS B 273 7.27 13.59 20.46
CA LYS B 273 8.06 12.43 20.86
C LYS B 273 8.83 12.72 22.14
N LYS B 274 9.52 13.86 22.15
CA LYS B 274 10.32 14.27 23.29
C LYS B 274 9.52 14.28 24.59
N TYR B 275 8.23 14.56 24.49
CA TYR B 275 7.40 14.58 25.68
C TYR B 275 6.37 13.48 25.79
N GLY B 276 6.67 12.35 25.14
CA GLY B 276 5.82 11.18 25.20
C GLY B 276 4.37 11.26 24.81
N ILE B 277 4.04 12.13 23.85
CA ILE B 277 2.67 12.24 23.39
C ILE B 277 2.48 11.26 22.23
N PRO B 278 1.60 10.26 22.41
CA PRO B 278 1.37 9.29 21.33
C PRO B 278 0.80 9.99 20.09
N PHE B 279 1.30 9.62 18.92
CA PHE B 279 0.79 10.21 17.68
C PHE B 279 1.16 9.35 16.49
N ASP B 280 0.48 9.56 15.37
CA ASP B 280 0.75 8.82 14.14
C ASP B 280 0.74 9.83 13.01
N LYS B 281 1.23 9.42 11.83
CA LYS B 281 1.26 10.31 10.68
C LYS B 281 0.79 9.58 9.42
N VAL B 282 0.21 10.33 8.49
CA VAL B 282 -0.27 9.72 7.26
C VAL B 282 -0.32 10.78 6.19
N THR B 283 -0.12 10.37 4.94
CA THR B 283 -0.16 11.30 3.82
C THR B 283 -1.32 10.95 2.92
N GLN B 284 -2.16 11.95 2.66
CA GLN B 284 -3.34 11.82 1.83
C GLN B 284 -3.05 12.24 0.38
N GLU B 285 -3.33 11.33 -0.56
CA GLU B 285 -3.09 11.60 -1.97
C GLU B 285 -4.40 12.08 -2.61
N ALA B 286 -4.30 12.67 -3.79
CA ALA B 286 -5.50 13.13 -4.50
C ALA B 286 -6.46 11.95 -4.65
N GLY B 287 -7.75 12.23 -4.59
CA GLY B 287 -8.75 11.19 -4.71
C GLY B 287 -8.98 10.35 -3.46
N GLU B 288 -8.39 10.74 -2.33
CA GLU B 288 -8.56 9.98 -1.09
C GLU B 288 -9.29 10.78 0.00
N PHE B 289 -10.02 10.07 0.85
CA PHE B 289 -10.75 10.69 1.94
C PHE B 289 -10.01 10.50 3.26
N MET B 290 -10.14 11.49 4.14
CA MET B 290 -9.55 11.39 5.47
C MET B 290 -10.72 11.70 6.39
N ILE B 291 -10.90 10.89 7.42
CA ILE B 291 -11.97 11.09 8.39
C ILE B 291 -11.33 11.37 9.75
N THR B 292 -11.75 12.45 10.44
CA THR B 292 -11.21 12.73 11.78
C THR B 292 -12.36 12.44 12.73
N PHE B 293 -12.04 11.90 13.92
CA PHE B 293 -13.09 11.54 14.87
C PHE B 293 -13.18 12.50 16.06
N PRO B 294 -14.28 12.44 16.82
CA PRO B 294 -14.47 13.32 17.98
C PRO B 294 -13.24 13.37 18.90
N TYR B 295 -12.85 14.58 19.25
CA TYR B 295 -11.73 14.82 20.15
C TYR B 295 -10.39 14.30 19.62
N GLY B 296 -10.34 14.10 18.30
CA GLY B 296 -9.11 13.65 17.69
C GLY B 296 -8.28 14.85 17.25
N TYR B 297 -7.20 15.14 17.96
CA TYR B 297 -6.33 16.26 17.60
C TYR B 297 -5.50 15.94 16.34
N HIS B 298 -5.46 16.90 15.42
CA HIS B 298 -4.69 16.74 14.19
C HIS B 298 -4.16 18.08 13.69
N ALA B 299 -3.09 17.98 12.90
CA ALA B 299 -2.42 19.11 12.29
C ALA B 299 -1.74 18.54 11.04
N GLY B 300 -1.23 19.43 10.19
CA GLY B 300 -0.56 18.99 8.97
C GLY B 300 -0.14 20.12 8.03
N PHE B 301 0.28 19.75 6.82
CA PHE B 301 0.70 20.72 5.83
C PHE B 301 0.52 20.17 4.43
N ASN B 302 0.46 21.05 3.46
CA ASN B 302 0.31 20.67 2.06
C ASN B 302 1.65 20.61 1.36
N HIS B 303 1.83 19.58 0.53
CA HIS B 303 3.06 19.35 -0.22
C HIS B 303 3.26 20.33 -1.35
N GLY B 304 2.16 20.85 -1.88
CA GLY B 304 2.23 21.79 -2.97
C GLY B 304 0.85 22.23 -3.41
N PHE B 305 0.71 22.68 -4.65
CA PHE B 305 -0.59 23.12 -5.14
C PHE B 305 -1.61 21.98 -5.07
N ASN B 306 -2.73 22.20 -4.40
CA ASN B 306 -3.76 21.19 -4.31
C ASN B 306 -5.10 21.79 -3.94
N CYS B 307 -6.11 20.94 -3.82
CA CYS B 307 -7.45 21.38 -3.47
C CYS B 307 -8.19 20.30 -2.70
N ALA B 308 -8.68 20.65 -1.52
CA ALA B 308 -9.42 19.72 -0.67
C ALA B 308 -10.75 20.35 -0.30
N GLU B 309 -11.74 19.50 -0.05
CA GLU B 309 -13.07 19.95 0.33
C GLU B 309 -13.37 19.32 1.68
N SER B 310 -13.97 20.08 2.59
CA SER B 310 -14.24 19.56 3.91
C SER B 310 -15.47 20.13 4.62
N THR B 311 -15.99 19.36 5.55
CA THR B 311 -17.13 19.76 6.36
C THR B 311 -17.17 18.85 7.57
N ASN B 312 -18.05 19.14 8.51
CA ASN B 312 -18.20 18.31 9.69
C ASN B 312 -19.44 17.41 9.61
N PHE B 313 -19.50 16.43 10.49
CA PHE B 313 -20.66 15.54 10.53
C PHE B 313 -20.70 14.89 11.90
N ALA B 314 -21.74 14.11 12.16
CA ALA B 314 -21.85 13.47 13.45
C ALA B 314 -22.48 12.08 13.41
N THR B 315 -22.45 11.41 14.56
CA THR B 315 -23.04 10.09 14.76
C THR B 315 -23.57 10.18 16.17
N ARG B 316 -24.41 9.24 16.59
CA ARG B 316 -24.95 9.26 17.94
C ARG B 316 -23.86 9.31 19.01
N ARG B 317 -22.72 8.70 18.71
CA ARG B 317 -21.59 8.69 19.65
C ARG B 317 -21.06 10.10 19.91
N TRP B 318 -21.17 10.98 18.93
CA TRP B 318 -20.69 12.35 19.09
C TRP B 318 -21.42 13.17 20.16
N ILE B 319 -22.72 12.90 20.31
CA ILE B 319 -23.52 13.66 21.26
C ILE B 319 -22.86 13.89 22.61
N GLU B 320 -22.33 12.85 23.22
CA GLU B 320 -21.69 13.03 24.53
C GLU B 320 -20.45 13.93 24.40
N TYR B 321 -19.74 13.83 23.29
CA TYR B 321 -18.58 14.68 23.10
C TYR B 321 -19.03 16.13 22.98
N GLY B 322 -20.15 16.33 22.28
CA GLY B 322 -20.67 17.68 22.10
C GLY B 322 -21.09 18.33 23.41
N LYS B 323 -21.65 17.51 24.31
CA LYS B 323 -22.12 17.97 25.61
C LYS B 323 -20.96 18.38 26.49
N GLN B 324 -19.83 17.69 26.35
CA GLN B 324 -18.66 17.97 27.18
C GLN B 324 -17.57 18.81 26.53
N ALA B 325 -17.70 19.13 25.26
CA ALA B 325 -16.68 19.92 24.57
C ALA B 325 -16.29 21.20 25.31
N VAL B 326 -14.98 21.42 25.45
CA VAL B 326 -14.47 22.63 26.11
C VAL B 326 -14.40 23.70 25.01
N LEU B 327 -15.20 24.74 25.16
CA LEU B 327 -15.28 25.78 24.13
C LEU B 327 -14.50 27.05 24.42
N CYS B 328 -14.20 27.80 23.36
CA CYS B 328 -13.49 29.08 23.47
C CYS B 328 -14.54 30.15 23.70
N SER B 329 -14.27 31.06 24.62
CA SER B 329 -15.19 32.14 24.89
C SER B 329 -14.45 33.48 24.95
N CYS B 330 -13.26 33.55 24.35
CA CYS B 330 -12.50 34.79 24.36
C CYS B 330 -12.59 35.47 23.00
N ARG B 331 -13.18 34.78 22.02
CA ARG B 331 -13.29 35.32 20.67
C ARG B 331 -14.72 35.39 20.16
N LYS B 332 -14.93 36.28 19.20
CA LYS B 332 -16.23 36.45 18.58
C LYS B 332 -16.44 35.37 17.53
N ASP B 333 -17.71 35.07 17.28
CA ASP B 333 -18.20 34.05 16.37
C ASP B 333 -17.42 32.73 16.25
N MET B 334 -17.15 32.14 17.41
CA MET B 334 -16.51 30.83 17.47
C MET B 334 -17.73 29.91 17.34
N VAL B 335 -17.55 28.73 16.78
CA VAL B 335 -18.67 27.83 16.61
C VAL B 335 -19.23 27.26 17.92
N LYS B 336 -20.55 27.37 18.07
CA LYS B 336 -21.25 26.86 19.24
C LYS B 336 -22.54 26.22 18.77
N ILE B 337 -22.84 25.02 19.27
CA ILE B 337 -24.06 24.31 18.89
C ILE B 337 -24.83 23.90 20.12
N SER B 338 -26.07 24.34 20.22
CA SER B 338 -26.92 24.00 21.35
C SER B 338 -27.14 22.48 21.31
N MET B 339 -26.76 21.80 22.37
CA MET B 339 -26.92 20.34 22.41
C MET B 339 -28.34 19.90 22.82
N ASP B 340 -29.13 20.84 23.30
CA ASP B 340 -30.48 20.56 23.76
C ASP B 340 -31.30 19.63 22.86
N VAL B 341 -31.39 19.96 21.57
CA VAL B 341 -32.16 19.14 20.64
C VAL B 341 -31.63 17.70 20.49
N PHE B 342 -30.32 17.52 20.65
CA PHE B 342 -29.75 16.16 20.55
C PHE B 342 -30.00 15.33 21.80
N VAL B 343 -29.96 15.98 22.96
CA VAL B 343 -30.16 15.27 24.23
C VAL B 343 -31.62 14.82 24.34
N ARG B 344 -32.54 15.70 23.96
CA ARG B 344 -33.95 15.37 24.01
C ARG B 344 -34.29 14.22 23.07
N LYS B 345 -33.78 14.26 21.84
CA LYS B 345 -34.09 13.23 20.87
C LYS B 345 -33.39 11.90 21.09
N PHE B 346 -32.12 11.93 21.44
CA PHE B 346 -31.38 10.69 21.63
C PHE B 346 -31.11 10.25 23.05
N GLN B 347 -31.22 11.15 24.02
CA GLN B 347 -30.97 10.80 25.41
C GLN B 347 -32.10 11.33 26.29
N PRO B 348 -33.36 11.01 25.94
CA PRO B 348 -34.50 11.49 26.72
C PRO B 348 -34.46 11.15 28.21
N GLU B 349 -34.02 9.95 28.57
CA GLU B 349 -33.96 9.60 29.98
C GLU B 349 -32.87 10.34 30.74
N ARG B 350 -32.05 11.10 30.02
CA ARG B 350 -31.00 11.86 30.67
C ARG B 350 -31.22 13.36 30.61
N TYR B 351 -32.22 13.78 29.83
CA TYR B 351 -32.51 15.20 29.65
C TYR B 351 -32.63 16.04 30.92
N LYS B 352 -33.51 15.62 31.82
CA LYS B 352 -33.73 16.34 33.06
C LYS B 352 -32.45 16.43 33.88
N LEU B 353 -31.80 15.28 34.05
CA LEU B 353 -30.56 15.22 34.81
C LEU B 353 -29.51 16.17 34.21
N TRP B 354 -29.36 16.10 32.89
CA TRP B 354 -28.42 16.93 32.17
C TRP B 354 -28.69 18.44 32.34
N LYS B 355 -29.95 18.83 32.18
CA LYS B 355 -30.31 20.25 32.33
C LYS B 355 -30.07 20.72 33.77
N ALA B 356 -30.08 19.79 34.71
CA ALA B 356 -29.86 20.12 36.11
C ALA B 356 -28.36 20.07 36.43
N GLY B 357 -27.55 19.83 35.39
CA GLY B 357 -26.11 19.77 35.57
C GLY B 357 -25.62 18.61 36.41
N LYS B 358 -26.40 17.53 36.46
CA LYS B 358 -26.05 16.35 37.24
C LYS B 358 -25.64 15.15 36.38
N ASP B 359 -25.60 15.33 35.07
CA ASP B 359 -25.20 14.24 34.17
C ASP B 359 -23.68 14.13 34.21
N ASN B 360 -23.18 13.18 34.99
CA ASN B 360 -21.74 13.00 35.15
C ASN B 360 -21.18 11.83 34.33
N THR B 361 -21.69 11.66 33.12
CA THR B 361 -21.24 10.59 32.25
C THR B 361 -19.76 10.79 31.89
N VAL B 362 -19.02 9.68 31.83
CA VAL B 362 -17.61 9.75 31.47
C VAL B 362 -17.47 9.09 30.11
N ILE B 363 -16.84 9.78 29.18
CA ILE B 363 -16.67 9.23 27.84
C ILE B 363 -15.58 8.16 27.73
N ASP B 364 -15.93 7.05 27.09
CA ASP B 364 -14.99 5.95 26.85
C ASP B 364 -14.56 6.08 25.39
N HIS B 365 -13.41 6.72 25.16
CA HIS B 365 -12.93 6.94 23.81
C HIS B 365 -12.76 5.70 22.94
N THR B 366 -12.70 4.51 23.54
CA THR B 366 -12.51 3.29 22.75
C THR B 366 -13.82 2.74 22.19
N LEU B 367 -14.95 3.09 22.80
CA LEU B 367 -16.25 2.59 22.36
C LEU B 367 -16.67 3.09 20.98
N PRO B 368 -17.11 2.18 20.09
CA PRO B 368 -17.57 2.58 18.76
C PRO B 368 -18.99 3.14 18.88
N THR B 369 -19.45 3.86 17.87
CA THR B 369 -20.80 4.43 17.93
C THR B 369 -21.82 3.30 17.90
N PRO B 370 -22.94 3.46 18.61
CA PRO B 370 -23.98 2.42 18.66
C PRO B 370 -24.52 1.92 17.31
N GLU B 371 -24.41 2.73 16.26
CA GLU B 371 -24.89 2.32 14.93
C GLU B 371 -24.06 1.15 14.37
N ALA B 372 -22.97 0.83 15.06
CA ALA B 372 -22.09 -0.26 14.64
C ALA B 372 -22.56 -1.59 15.21
N ALA B 373 -23.73 -1.58 15.85
CA ALA B 373 -24.29 -2.77 16.46
C ALA B 373 -24.39 -3.92 15.48
N GLU B 374 -24.70 -3.62 14.23
CA GLU B 374 -24.83 -4.64 13.20
C GLU B 374 -23.48 -5.18 12.75
N PHE B 375 -22.44 -4.35 12.88
CA PHE B 375 -21.09 -4.75 12.48
C PHE B 375 -20.31 -5.34 13.65
N LEU B 376 -20.99 -5.51 14.78
CA LEU B 376 -20.38 -6.06 15.98
C LEU B 376 -21.12 -7.32 16.44
N LYS B 377 -22.14 -7.71 15.68
CA LYS B 377 -22.94 -8.88 16.00
C LYS B 377 -22.64 -10.03 15.03
N PRO C 1 28.48 -20.51 6.78
CA PRO C 1 29.27 -20.02 5.63
C PRO C 1 28.58 -18.91 4.85
N ALA C 2 29.37 -18.12 4.12
CA ALA C 2 28.87 -17.00 3.34
C ALA C 2 27.89 -17.42 2.23
N THR C 3 28.24 -18.47 1.49
CA THR C 3 27.39 -18.96 0.40
C THR C 3 26.97 -20.41 0.62
N GLY C 4 25.68 -20.67 0.42
CA GLY C 4 25.18 -22.02 0.60
C GLY C 4 23.66 -22.08 0.64
N GLY C 5 23.15 -23.19 1.16
CA GLY C 5 21.71 -23.37 1.26
C GLY C 5 21.12 -24.21 0.14
N VAL C 6 19.79 -24.20 0.05
CA VAL C 6 19.09 -24.96 -0.98
C VAL C 6 17.79 -24.25 -1.33
N LYS C 8 14.89 -25.57 -2.33
CA LYS C 8 13.71 -26.23 -1.77
C LYS C 8 13.33 -25.71 -0.39
N PRO C 9 12.09 -25.23 -0.25
CA PRO C 9 11.60 -24.69 1.02
C PRO C 9 11.37 -25.80 2.04
N HIS C 10 11.46 -25.42 3.32
CA HIS C 10 11.24 -26.36 4.43
C HIS C 10 9.82 -26.90 4.31
N ARG C 11 9.68 -28.23 4.38
CA ARG C 11 8.37 -28.87 4.29
C ARG C 11 7.84 -29.20 5.69
N TYR C 12 6.59 -29.63 5.76
CA TYR C 12 5.96 -30.01 7.02
C TYR C 12 5.63 -31.51 7.01
N PRO D 1 -24.59 33.59 20.87
CA PRO D 1 -25.88 32.91 20.64
C PRO D 1 -25.77 31.42 20.97
N ALA D 2 -26.91 30.79 21.25
CA ALA D 2 -26.96 29.37 21.59
C ALA D 2 -26.28 28.52 20.52
N THR D 3 -26.62 28.77 19.26
CA THR D 3 -26.06 28.03 18.14
C THR D 3 -25.62 29.02 17.05
N GLY D 4 -24.40 28.85 16.55
CA GLY D 4 -23.92 29.75 15.52
C GLY D 4 -22.40 29.85 15.42
N GLY D 5 -21.95 30.93 14.79
CA GLY D 5 -20.53 31.16 14.60
C GLY D 5 -20.14 30.78 13.17
N VAL D 6 -18.84 30.69 12.90
CA VAL D 6 -18.29 30.32 11.60
C VAL D 6 -17.04 29.48 11.84
N LYS D 8 -14.52 29.26 9.82
CA LYS D 8 -13.39 30.08 9.41
C LYS D 8 -12.83 30.89 10.58
N PRO D 9 -11.56 30.66 10.94
CA PRO D 9 -10.90 31.37 12.04
C PRO D 9 -10.67 32.84 11.71
N HIS D 10 -10.50 33.65 12.75
CA HIS D 10 -10.24 35.08 12.60
C HIS D 10 -8.94 35.31 11.84
N ARG D 11 -8.98 36.20 10.85
CA ARG D 11 -7.78 36.52 10.07
C ARG D 11 -7.19 37.83 10.60
N TYR D 12 -5.89 38.02 10.39
CA TYR D 12 -5.20 39.22 10.85
C TYR D 12 -4.94 40.21 9.72
#